data_3BCQ
#
_entry.id   3BCQ
#
_cell.length_a   119.366
_cell.length_b   54.039
_cell.length_c   101.906
_cell.angle_alpha   90.00
_cell.angle_beta   113.89
_cell.angle_gamma   90.00
#
_symmetry.space_group_name_H-M   'C 1 2 1'
#
loop_
_entity.id
_entity.type
_entity.pdbx_description
1 polymer 'Alpha-chain hemoglobin'
2 polymer 'Beta-chain hemoglobin'
3 non-polymer 'PROTOPORPHYRIN IX CONTAINING FE'
4 non-polymer 'OXYGEN MOLECULE'
5 water water
#
loop_
_entity_poly.entity_id
_entity_poly.type
_entity_poly.pdbx_seq_one_letter_code
_entity_poly.pdbx_strand_id
1 'polypeptide(L)'
;SLSDKDKDSIKAFWAKISPKAEDIGADALARMLTVYPQTKTYFSHWKDLSPGSAPVKKHGKTVMGSVAEAVSKIDDLTNG
LLTLSELHAFQLRVDPANFKILSHNLLVVLAQQFPNDFTPEVHVSMDKFLSLLSWSLSEKYR
;
A,C
2 'polypeptide(L)'
;VEWSTAERSAIAGLWGKISVDEIGPQALSRLLIVYPWTQRHFAAFGNLSSPAAINGNPKVAHHGKVVMGGLERAIKNMDN
IKAAYSSLSVMHSEKLHVDPDNFRLLADCITVCVAMKFGPSAFTPDVQEAWQKFLAVVVAALSRYH
;
B,D
#
loop_
_chem_comp.id
_chem_comp.type
_chem_comp.name
_chem_comp.formula
HEM non-polymer 'PROTOPORPHYRIN IX CONTAINING FE' 'C34 H32 Fe N4 O4'
OXY non-polymer 'OXYGEN MOLECULE' O2
#
# COMPACT_ATOMS: atom_id res chain seq x y z
N SER A 1 4.71 6.20 16.88
CA SER A 1 5.81 5.47 16.13
C SER A 1 7.20 6.02 16.44
N LEU A 2 7.46 7.33 16.39
CA LEU A 2 8.87 7.80 16.64
C LEU A 2 9.34 7.57 18.11
N SER A 3 10.53 7.01 18.24
CA SER A 3 11.01 6.62 19.54
C SER A 3 12.08 7.68 19.79
N ASP A 4 12.55 7.77 21.04
CA ASP A 4 13.64 8.67 21.40
C ASP A 4 14.89 8.42 20.61
N LYS A 5 15.19 7.19 20.21
CA LYS A 5 16.33 6.99 19.31
C LYS A 5 16.10 7.55 17.87
N ASP A 6 14.84 7.64 17.41
CA ASP A 6 14.51 8.06 16.03
C ASP A 6 14.68 9.55 15.95
N LYS A 7 14.12 10.21 16.96
CA LYS A 7 14.32 11.65 17.25
C LYS A 7 15.76 12.08 17.24
N ASP A 8 16.65 11.44 18.01
CA ASP A 8 18.03 11.88 18.10
C ASP A 8 18.72 11.71 16.77
N SER A 9 18.32 10.64 16.11
CA SER A 9 19.01 10.09 14.98
C SER A 9 18.58 10.90 13.78
N ILE A 10 17.29 11.24 13.69
CA ILE A 10 16.89 12.16 12.70
C ILE A 10 17.27 13.67 12.96
N LYS A 11 17.10 14.20 14.16
CA LYS A 11 17.66 15.52 14.53
C LYS A 11 19.16 15.69 14.21
N ALA A 12 19.93 14.64 14.41
CA ALA A 12 21.36 14.76 14.20
C ALA A 12 21.63 14.76 12.79
N PHE A 13 20.69 14.17 12.08
CA PHE A 13 20.84 13.97 10.69
C PHE A 13 20.50 15.23 9.95
N TRP A 14 19.47 15.87 10.44
CA TRP A 14 19.03 17.09 9.94
C TRP A 14 20.17 18.14 10.01
N ALA A 15 20.88 18.18 11.14
CA ALA A 15 21.93 19.12 11.28
C ALA A 15 23.03 18.93 10.23
N LYS A 16 23.39 17.69 9.87
CA LYS A 16 24.37 17.42 8.81
C LYS A 16 23.99 17.83 7.41
N ILE A 17 22.76 17.59 7.06
CA ILE A 17 22.25 17.69 5.71
C ILE A 17 21.54 18.99 5.80
N SER A 18 21.28 19.73 4.77
CA SER A 18 20.44 20.81 5.34
C SER A 18 20.97 22.20 5.22
N PRO A 19 22.32 22.37 5.35
CA PRO A 19 23.00 23.31 4.43
C PRO A 19 22.46 23.06 3.08
N LYS A 20 22.12 21.79 2.80
CA LYS A 20 21.77 21.31 1.46
C LYS A 20 20.31 20.98 1.29
N ALA A 21 19.47 21.43 2.21
CA ALA A 21 18.04 21.18 2.15
C ALA A 21 17.36 21.51 0.87
N GLU A 22 17.81 22.54 0.21
CA GLU A 22 17.13 23.00 -1.02
C GLU A 22 17.46 22.23 -2.25
N ASP A 23 18.74 21.90 -2.35
CA ASP A 23 19.26 20.82 -3.13
C ASP A 23 18.46 19.47 -3.06
N ILE A 24 18.41 18.86 -1.89
CA ILE A 24 17.59 17.71 -1.66
C ILE A 24 16.15 17.96 -2.13
N GLY A 25 15.55 19.09 -1.80
CA GLY A 25 14.13 19.30 -2.19
C GLY A 25 13.94 19.32 -3.71
N ALA A 26 14.79 20.08 -4.39
CA ALA A 26 14.79 20.08 -5.86
C ALA A 26 15.28 18.73 -6.50
N ASP A 27 16.26 18.07 -5.91
CA ASP A 27 16.68 16.78 -6.49
C ASP A 27 15.50 15.75 -6.26
N ALA A 28 14.89 15.73 -5.08
CA ALA A 28 13.78 14.75 -4.78
C ALA A 28 12.48 15.02 -5.60
N LEU A 29 12.08 16.29 -5.66
CA LEU A 29 10.93 16.68 -6.42
C LEU A 29 11.05 16.46 -7.91
N ALA A 30 12.16 16.85 -8.49
CA ALA A 30 12.30 16.68 -9.92
C ALA A 30 12.42 15.26 -10.34
N ARG A 31 13.06 14.42 -9.51
CA ARG A 31 13.06 12.95 -9.67
C ARG A 31 11.67 12.29 -9.58
N MET A 32 10.85 12.74 -8.64
CA MET A 32 9.52 12.22 -8.48
C MET A 32 8.82 12.51 -9.79
N LEU A 33 9.02 13.73 -10.32
CA LEU A 33 8.28 14.15 -11.53
C LEU A 33 8.68 13.38 -12.75
N THR A 34 9.95 13.01 -12.94
CA THR A 34 10.19 12.32 -14.17
C THR A 34 10.06 10.83 -13.98
N VAL A 35 10.40 10.34 -12.79
CA VAL A 35 10.43 8.93 -12.50
C VAL A 35 9.07 8.45 -12.33
N TYR A 36 8.21 9.26 -11.72
CA TYR A 36 6.83 8.90 -11.51
C TYR A 36 5.89 9.89 -12.13
N PRO A 37 5.65 9.78 -13.46
CA PRO A 37 5.14 10.92 -14.19
C PRO A 37 3.69 11.15 -13.87
N GLN A 38 3.05 10.24 -13.15
CA GLN A 38 1.71 10.48 -12.60
C GLN A 38 1.68 11.54 -11.50
N THR A 39 2.79 11.89 -10.92
CA THR A 39 2.68 12.99 -9.96
C THR A 39 2.67 14.35 -10.72
N LYS A 40 3.00 14.32 -12.02
CA LYS A 40 3.06 15.55 -12.87
C LYS A 40 1.69 16.25 -12.99
N THR A 41 0.61 15.47 -12.88
CA THR A 41 -0.73 15.98 -13.09
C THR A 41 -1.13 17.09 -12.11
N TYR A 42 -0.51 17.07 -10.94
CA TYR A 42 -0.70 18.10 -9.91
C TYR A 42 0.07 19.42 -10.12
N PHE A 43 1.11 19.42 -10.95
CA PHE A 43 1.89 20.62 -11.10
C PHE A 43 1.85 21.07 -12.56
N SER A 44 0.92 20.58 -13.35
CA SER A 44 0.90 20.88 -14.79
C SER A 44 0.61 22.38 -15.15
N HIS A 45 0.19 23.15 -14.15
CA HIS A 45 0.12 24.60 -14.27
C HIS A 45 1.49 25.30 -14.29
N TRP A 46 2.53 24.60 -13.85
CA TRP A 46 3.90 25.13 -13.95
C TRP A 46 4.45 25.01 -15.38
N LYS A 47 5.61 25.63 -15.49
CA LYS A 47 6.10 26.12 -16.69
C LYS A 47 6.85 25.18 -17.67
N ASP A 48 7.53 24.07 -17.34
CA ASP A 48 8.58 23.76 -16.41
C ASP A 48 8.60 22.78 -15.30
N LEU A 49 8.44 21.51 -15.72
CA LEU A 49 8.48 20.35 -14.83
C LEU A 49 9.86 19.64 -14.69
N SER A 50 10.82 19.99 -15.52
CA SER A 50 12.02 19.18 -15.63
C SER A 50 12.99 19.39 -14.48
N PRO A 51 13.81 18.39 -14.26
CA PRO A 51 14.87 18.37 -13.22
C PRO A 51 15.75 19.63 -13.31
N GLY A 52 15.85 20.41 -12.23
CA GLY A 52 16.65 21.64 -12.31
C GLY A 52 15.92 22.95 -12.71
N SER A 53 14.70 22.84 -13.22
CA SER A 53 14.00 24.01 -13.69
C SER A 53 13.72 24.89 -12.49
N ALA A 54 13.43 26.15 -12.74
CA ALA A 54 13.17 27.11 -11.63
C ALA A 54 11.98 26.72 -10.75
N PRO A 55 10.78 26.37 -11.37
CA PRO A 55 9.58 26.01 -10.58
C PRO A 55 9.89 24.81 -9.66
N VAL A 56 10.69 23.88 -10.13
CA VAL A 56 11.08 22.71 -9.29
C VAL A 56 12.02 23.16 -8.19
N LYS A 57 13.05 23.95 -8.54
CA LYS A 57 13.98 24.46 -7.48
C LYS A 57 13.20 25.25 -6.39
N LYS A 58 12.28 26.08 -6.82
CA LYS A 58 11.51 26.90 -5.90
CA LYS A 58 11.51 26.88 -5.89
C LYS A 58 10.57 26.01 -5.08
N HIS A 59 9.83 25.10 -5.73
CA HIS A 59 8.95 24.21 -4.94
C HIS A 59 9.71 23.15 -4.10
N GLY A 60 10.85 22.69 -4.59
CA GLY A 60 11.79 21.90 -3.78
C GLY A 60 12.20 22.55 -2.49
N LYS A 61 12.51 23.85 -2.57
CA LYS A 61 12.96 24.59 -1.37
C LYS A 61 11.84 24.60 -0.29
N THR A 62 10.60 24.88 -0.71
CA THR A 62 9.45 24.87 0.17
C THR A 62 9.18 23.50 0.85
N VAL A 63 8.94 22.44 0.07
CA VAL A 63 8.84 21.09 0.62
C VAL A 63 9.88 20.93 1.73
N MET A 64 11.16 21.14 1.46
CA MET A 64 12.17 20.86 2.46
C MET A 64 12.20 21.81 3.60
N GLY A 65 11.66 22.99 3.38
CA GLY A 65 11.44 23.92 4.41
C GLY A 65 10.37 23.44 5.35
N SER A 66 9.28 22.89 4.85
CA SER A 66 8.32 22.39 5.85
C SER A 66 8.67 21.06 6.52
N VAL A 67 9.54 20.30 5.93
CA VAL A 67 10.15 19.19 6.56
C VAL A 67 11.12 19.60 7.68
N ALA A 68 11.78 20.77 7.55
CA ALA A 68 12.58 21.40 8.66
C ALA A 68 11.71 21.79 9.81
N GLU A 69 10.61 22.52 9.53
CA GLU A 69 9.67 22.87 10.58
C GLU A 69 9.30 21.56 11.20
N ALA A 70 8.69 20.63 10.48
CA ALA A 70 8.41 19.31 11.04
C ALA A 70 9.51 18.64 11.95
N VAL A 71 10.76 18.59 11.54
CA VAL A 71 11.83 18.18 12.46
C VAL A 71 12.00 19.00 13.79
N SER A 72 11.73 20.33 13.79
CA SER A 72 11.83 21.15 15.00
C SER A 72 10.67 20.88 15.89
N LYS A 73 9.55 20.49 15.31
CA LYS A 73 8.37 20.13 16.08
C LYS A 73 8.14 18.59 16.06
N ILE A 74 9.22 17.84 16.15
CA ILE A 74 9.22 16.42 15.87
C ILE A 74 8.47 15.62 16.94
N ASP A 75 8.36 16.22 18.14
CA ASP A 75 7.67 15.63 19.27
C ASP A 75 6.19 16.01 19.14
N ASP A 76 5.89 17.11 18.45
CA ASP A 76 4.49 17.37 18.09
C ASP A 76 4.21 17.64 16.61
N LEU A 77 4.47 16.60 15.81
CA LEU A 77 4.23 16.62 14.36
C LEU A 77 2.78 16.82 14.22
N THR A 78 2.07 16.16 15.09
CA THR A 78 0.66 16.05 14.90
C THR A 78 0.12 17.50 14.80
N ASN A 79 0.79 18.43 15.53
CA ASN A 79 0.48 19.91 15.51
C ASN A 79 1.12 20.65 14.36
N GLY A 80 2.44 20.59 14.23
CA GLY A 80 3.16 21.21 13.11
C GLY A 80 2.63 21.05 11.65
N LEU A 81 1.76 20.06 11.42
CA LEU A 81 1.49 19.58 10.05
C LEU A 81 0.05 19.62 9.69
N LEU A 82 -0.77 20.07 10.61
CA LEU A 82 -2.15 19.87 10.31
C LEU A 82 -2.76 20.82 9.26
N THR A 83 -2.12 21.98 9.12
CA THR A 83 -2.52 22.99 8.19
C THR A 83 -2.10 22.53 6.73
N LEU A 84 -0.89 21.97 6.64
CA LEU A 84 -0.47 21.37 5.39
C LEU A 84 -1.39 20.23 4.97
N SER A 85 -1.81 19.46 6.00
CA SER A 85 -2.84 18.48 5.81
C SER A 85 -4.22 18.97 5.30
N GLU A 86 -4.82 20.01 5.87
CA GLU A 86 -6.02 20.63 5.24
C GLU A 86 -5.75 21.07 3.75
N LEU A 87 -4.63 21.75 3.51
CA LEU A 87 -4.31 22.10 2.14
C LEU A 87 -4.15 20.88 1.18
N HIS A 88 -3.38 19.88 1.58
CA HIS A 88 -3.23 18.69 0.73
C HIS A 88 -4.51 17.83 0.50
N ALA A 89 -5.33 17.64 1.53
CA ALA A 89 -6.61 16.92 1.36
C ALA A 89 -7.63 17.72 0.66
N PHE A 90 -7.76 18.94 1.12
CA PHE A 90 -8.92 19.70 0.74
C PHE A 90 -8.80 20.69 -0.41
N GLN A 91 -7.67 21.38 -0.54
CA GLN A 91 -7.62 22.34 -1.60
C GLN A 91 -6.97 21.61 -2.78
N LEU A 92 -5.90 20.88 -2.51
CA LEU A 92 -5.23 20.11 -3.58
C LEU A 92 -5.79 18.69 -3.75
N ARG A 93 -6.31 18.05 -2.70
CA ARG A 93 -6.88 16.69 -2.86
C ARG A 93 -5.81 15.80 -3.56
N VAL A 94 -4.62 15.75 -3.00
CA VAL A 94 -3.56 14.82 -3.42
C VAL A 94 -3.83 13.40 -2.94
N ASP A 95 -3.70 12.43 -3.83
CA ASP A 95 -3.90 11.07 -3.50
C ASP A 95 -2.84 10.73 -2.48
N PRO A 96 -3.25 10.27 -1.30
CA PRO A 96 -2.35 9.88 -0.24
C PRO A 96 -1.19 8.95 -0.67
N ALA A 97 -1.43 8.07 -1.64
CA ALA A 97 -0.46 7.20 -2.22
C ALA A 97 0.78 7.93 -2.76
N ASN A 98 0.62 9.15 -3.27
CA ASN A 98 1.74 9.98 -3.74
C ASN A 98 2.75 10.38 -2.71
N PHE A 99 2.34 10.43 -1.45
CA PHE A 99 3.26 10.80 -0.35
C PHE A 99 4.40 9.80 -0.17
N LYS A 100 4.07 8.55 -0.32
CA LYS A 100 5.01 7.51 -0.22
C LYS A 100 6.12 7.62 -1.30
N ILE A 101 5.70 8.11 -2.46
CA ILE A 101 6.53 8.38 -3.60
C ILE A 101 7.48 9.52 -3.35
N LEU A 102 6.99 10.65 -2.87
CA LEU A 102 7.96 11.73 -2.51
C LEU A 102 8.98 11.33 -1.47
N SER A 103 8.48 10.67 -0.41
CA SER A 103 9.36 10.22 0.62
C SER A 103 10.36 9.18 0.14
N HIS A 104 10.00 8.27 -0.73
CA HIS A 104 11.05 7.45 -1.32
C HIS A 104 12.12 8.27 -2.07
N ASN A 105 11.69 9.28 -2.86
CA ASN A 105 12.67 10.09 -3.65
C ASN A 105 13.57 10.91 -2.74
N LEU A 106 12.96 11.24 -1.64
CA LEU A 106 13.69 11.89 -0.62
C LEU A 106 14.74 11.04 0.11
N LEU A 107 14.44 9.75 0.40
CA LEU A 107 15.45 8.82 0.98
C LEU A 107 16.43 8.64 -0.14
N VAL A 108 15.96 8.47 -1.37
CA VAL A 108 16.96 8.29 -2.40
C VAL A 108 17.99 9.40 -2.39
N VAL A 109 17.53 10.67 -2.36
CA VAL A 109 18.46 11.84 -2.52
C VAL A 109 19.29 11.95 -1.24
N LEU A 110 18.71 11.79 -0.08
CA LEU A 110 19.62 11.76 1.04
C LEU A 110 20.50 10.60 0.77
N ALA A 111 21.75 10.60 1.14
CA ALA A 111 22.19 9.22 0.79
C ALA A 111 22.72 9.05 -0.58
N GLN A 112 22.00 9.38 -1.65
CA GLN A 112 22.78 9.69 -2.88
C GLN A 112 23.78 10.84 -2.49
N GLN A 113 23.32 11.86 -1.80
CA GLN A 113 24.22 12.86 -1.30
C GLN A 113 25.00 12.59 -0.03
N PHE A 114 24.54 11.72 0.87
CA PHE A 114 25.29 11.55 2.08
C PHE A 114 25.58 10.04 2.44
N PRO A 115 26.25 9.29 1.56
CA PRO A 115 26.28 7.80 1.51
C PRO A 115 27.07 7.32 2.70
N ASN A 116 28.22 7.96 2.81
CA ASN A 116 28.70 8.56 3.99
C ASN A 116 27.84 8.21 5.23
N ASP A 117 26.74 8.92 5.38
CA ASP A 117 26.04 9.02 6.62
C ASP A 117 24.74 8.22 6.67
N PHE A 118 24.40 7.49 5.63
CA PHE A 118 23.09 6.88 5.51
C PHE A 118 23.21 5.37 5.72
N THR A 119 23.67 5.05 6.90
CA THR A 119 23.58 3.69 7.40
C THR A 119 22.16 3.06 7.36
N PRO A 120 22.04 1.73 7.42
CA PRO A 120 20.70 1.16 7.46
C PRO A 120 19.92 1.54 8.63
N GLU A 121 20.61 1.83 9.75
CA GLU A 121 19.99 2.29 10.98
C GLU A 121 19.48 3.75 10.96
N VAL A 122 20.22 4.64 10.28
CA VAL A 122 19.75 6.01 9.98
C VAL A 122 18.62 5.96 8.98
N HIS A 123 18.72 5.06 8.03
CA HIS A 123 17.68 4.87 7.05
C HIS A 123 16.33 4.49 7.76
N VAL A 124 16.40 3.60 8.77
CA VAL A 124 15.24 3.19 9.53
C VAL A 124 14.56 4.39 10.09
N SER A 125 15.32 5.21 10.82
CA SER A 125 14.81 6.35 11.55
C SER A 125 14.29 7.41 10.59
N MET A 126 15.04 7.75 9.56
CA MET A 126 14.53 8.67 8.55
C MET A 126 13.17 8.16 7.96
N ASP A 127 13.09 6.86 7.67
CA ASP A 127 11.93 6.32 6.96
C ASP A 127 10.71 6.35 7.88
N LYS A 128 10.94 6.10 9.17
CA LYS A 128 9.88 6.23 10.17
C LYS A 128 9.49 7.70 10.32
N PHE A 129 10.45 8.60 10.29
CA PHE A 129 10.10 10.01 10.32
C PHE A 129 9.15 10.37 9.20
N LEU A 130 9.49 9.90 8.05
CA LEU A 130 8.68 10.30 6.91
C LEU A 130 7.32 9.56 6.77
N SER A 131 7.16 8.32 7.25
CA SER A 131 5.80 7.76 7.42
C SER A 131 4.95 8.45 8.44
N LEU A 132 5.57 8.99 9.48
CA LEU A 132 4.90 9.80 10.46
C LEU A 132 4.42 11.10 9.89
N LEU A 133 5.32 11.74 9.16
CA LEU A 133 5.02 12.86 8.32
C LEU A 133 3.91 12.59 7.38
N SER A 134 3.88 11.45 6.68
CA SER A 134 2.65 11.16 5.81
C SER A 134 1.41 10.88 6.58
N TRP A 135 1.61 10.13 7.65
CA TRP A 135 0.52 9.83 8.54
C TRP A 135 -0.11 11.14 9.06
N SER A 136 0.68 12.10 9.54
CA SER A 136 0.09 13.42 9.95
C SER A 136 -0.50 14.20 8.79
N LEU A 137 0.04 14.08 7.58
CA LEU A 137 -0.51 14.77 6.42
C LEU A 137 -1.84 14.21 6.04
N SER A 138 -2.07 12.93 6.39
CA SER A 138 -3.33 12.26 6.12
C SER A 138 -4.46 12.67 7.07
N GLU A 139 -4.12 13.37 8.13
CA GLU A 139 -5.12 13.64 9.18
C GLU A 139 -6.46 14.16 8.70
N LYS A 140 -6.41 15.02 7.69
CA LYS A 140 -7.57 15.82 7.30
C LYS A 140 -8.35 15.28 6.12
N TYR A 141 -8.04 14.09 5.64
CA TYR A 141 -8.66 13.62 4.45
C TYR A 141 -10.03 13.11 4.63
N ARG A 142 -10.29 12.49 5.78
CA ARG A 142 -11.66 11.92 5.98
C ARG A 142 -11.85 11.80 7.43
N VAL B 1 6.26 -4.34 -23.35
CA VAL B 1 6.73 -3.01 -22.85
C VAL B 1 7.73 -2.46 -23.86
N GLU B 2 7.65 -1.17 -24.20
CA GLU B 2 8.70 -0.58 -25.04
C GLU B 2 9.74 0.22 -24.27
N TRP B 3 11.01 -0.07 -24.59
CA TRP B 3 12.14 0.65 -24.07
C TRP B 3 12.56 1.66 -25.08
N SER B 4 13.08 2.80 -24.62
CA SER B 4 13.75 3.77 -25.48
C SER B 4 15.21 3.32 -25.54
N THR B 5 15.95 3.83 -26.53
CA THR B 5 17.31 3.39 -26.77
C THR B 5 18.14 4.13 -25.69
N ALA B 6 17.66 5.31 -25.28
CA ALA B 6 18.12 5.97 -24.06
C ALA B 6 18.00 5.14 -22.77
N GLU B 7 16.81 4.57 -22.50
CA GLU B 7 16.57 3.56 -21.45
C GLU B 7 17.48 2.32 -21.47
N ARG B 8 17.39 1.54 -22.53
CA ARG B 8 18.33 0.48 -22.88
C ARG B 8 19.76 0.73 -22.56
N SER B 9 20.29 1.86 -23.02
CA SER B 9 21.69 2.10 -22.73
C SER B 9 21.95 2.58 -21.30
N ALA B 10 21.11 3.48 -20.77
CA ALA B 10 21.04 3.78 -19.32
C ALA B 10 20.98 2.50 -18.52
N ILE B 11 20.13 1.55 -18.84
CA ILE B 11 20.08 0.40 -17.97
C ILE B 11 21.36 -0.39 -18.05
N ALA B 12 21.85 -0.53 -19.28
CA ALA B 12 23.00 -1.34 -19.55
C ALA B 12 24.28 -0.69 -18.96
N GLY B 13 24.40 0.63 -18.98
CA GLY B 13 25.62 1.24 -18.40
C GLY B 13 25.66 1.14 -16.91
N LEU B 14 24.47 1.20 -16.34
CA LEU B 14 24.34 1.16 -14.91
C LEU B 14 24.62 -0.26 -14.49
N TRP B 15 23.93 -1.23 -15.06
CA TRP B 15 24.17 -2.59 -14.65
C TRP B 15 25.62 -2.98 -14.81
N GLY B 16 26.25 -2.41 -15.85
CA GLY B 16 27.62 -2.69 -16.22
C GLY B 16 28.57 -2.22 -15.16
N LYS B 17 28.18 -1.21 -14.37
CA LYS B 17 29.06 -0.71 -13.32
C LYS B 17 28.77 -1.35 -11.94
N ILE B 18 27.62 -2.03 -11.81
CA ILE B 18 27.18 -2.59 -10.52
C ILE B 18 28.14 -3.72 -10.19
N SER B 19 28.77 -3.65 -9.05
CA SER B 19 29.31 -4.87 -8.49
C SER B 19 28.23 -5.67 -7.76
N VAL B 20 27.72 -6.69 -8.43
CA VAL B 20 26.74 -7.64 -7.87
C VAL B 20 27.13 -8.19 -6.48
N ASP B 21 28.44 -8.33 -6.21
CA ASP B 21 28.95 -8.90 -4.93
C ASP B 21 28.86 -7.96 -3.80
N GLU B 22 28.78 -6.69 -4.15
CA GLU B 22 28.67 -5.61 -3.24
C GLU B 22 27.22 -5.15 -3.01
N ILE B 23 26.51 -4.72 -4.06
CA ILE B 23 25.15 -4.21 -3.99
C ILE B 23 24.16 -5.28 -3.48
N GLY B 24 24.11 -6.45 -4.13
CA GLY B 24 23.35 -7.64 -3.67
C GLY B 24 23.29 -7.83 -2.15
N PRO B 25 24.40 -8.17 -1.55
CA PRO B 25 24.35 -8.36 -0.06
C PRO B 25 23.93 -7.10 0.67
N GLN B 26 24.14 -5.99 0.03
CA GLN B 26 23.94 -4.77 0.74
C GLN B 26 22.52 -4.39 0.75
N ALA B 27 21.88 -4.53 -0.41
CA ALA B 27 20.46 -4.34 -0.62
C ALA B 27 19.62 -5.31 0.16
N LEU B 28 19.99 -6.59 0.24
CA LEU B 28 19.22 -7.54 1.04
C LEU B 28 19.36 -7.21 2.53
N SER B 29 20.56 -6.90 2.97
CA SER B 29 20.73 -6.46 4.36
C SER B 29 19.90 -5.26 4.76
N ARG B 30 19.79 -4.30 3.87
CA ARG B 30 19.02 -3.09 4.14
C ARG B 30 17.52 -3.34 4.21
N LEU B 31 16.99 -4.19 3.32
CA LEU B 31 15.62 -4.67 3.45
C LEU B 31 15.41 -5.37 4.78
N LEU B 32 16.29 -6.22 5.21
CA LEU B 32 15.97 -6.92 6.48
C LEU B 32 16.12 -5.99 7.66
N ILE B 33 16.94 -4.95 7.52
CA ILE B 33 17.04 -3.99 8.62
C ILE B 33 15.89 -3.02 8.56
N VAL B 34 15.53 -2.56 7.38
CA VAL B 34 14.60 -1.37 7.34
C VAL B 34 13.18 -1.87 7.36
N TYR B 35 12.95 -3.02 6.68
CA TYR B 35 11.65 -3.66 6.76
C TYR B 35 11.71 -5.09 7.43
N PRO B 36 11.91 -5.16 8.72
CA PRO B 36 12.33 -6.37 9.36
C PRO B 36 11.21 -7.45 9.44
N TRP B 37 9.99 -7.21 8.95
CA TRP B 37 8.95 -8.23 8.98
C TRP B 37 9.35 -9.26 7.92
N THR B 38 10.19 -8.79 7.05
CA THR B 38 10.64 -9.41 5.81
C THR B 38 11.63 -10.57 6.24
N GLN B 39 12.22 -10.47 7.42
CA GLN B 39 13.02 -11.51 8.10
C GLN B 39 12.30 -12.88 8.26
N ARG B 40 11.04 -12.88 8.61
CA ARG B 40 10.26 -14.07 8.60
C ARG B 40 10.26 -14.90 7.28
N HIS B 41 10.40 -14.29 6.13
CA HIS B 41 10.57 -15.10 4.92
C HIS B 41 11.90 -15.79 4.84
N PHE B 42 12.89 -15.28 5.56
CA PHE B 42 14.23 -15.82 5.51
C PHE B 42 14.58 -16.40 6.88
N ALA B 43 13.68 -16.99 7.66
CA ALA B 43 14.21 -17.51 8.95
C ALA B 43 14.94 -18.87 8.86
N ALA B 44 15.03 -19.45 7.65
CA ALA B 44 16.06 -20.50 7.37
C ALA B 44 17.54 -19.96 7.41
N PHE B 45 17.73 -18.64 7.42
CA PHE B 45 19.04 -17.97 7.22
C PHE B 45 19.98 -17.75 8.43
N GLY B 46 19.54 -17.92 9.68
CA GLY B 46 20.43 -17.38 10.75
C GLY B 46 19.54 -16.64 11.68
N ASN B 47 20.02 -16.00 12.73
CA ASN B 47 20.99 -14.91 12.79
C ASN B 47 20.82 -13.70 11.95
N LEU B 48 19.64 -13.16 12.22
CA LEU B 48 19.14 -11.91 11.71
C LEU B 48 18.87 -10.99 12.92
N SER B 49 19.57 -11.26 14.03
CA SER B 49 19.19 -10.69 15.31
C SER B 49 19.54 -9.21 15.46
N SER B 50 20.34 -8.68 14.55
CA SER B 50 20.79 -7.30 14.64
C SER B 50 21.50 -6.89 13.35
N PRO B 51 21.63 -5.56 13.09
CA PRO B 51 22.25 -5.15 11.85
C PRO B 51 23.54 -5.88 11.55
N ALA B 52 24.39 -5.99 12.59
CA ALA B 52 25.70 -6.68 12.54
C ALA B 52 25.61 -8.14 12.09
N ALA B 53 24.59 -8.82 12.56
CA ALA B 53 24.47 -10.22 12.29
C ALA B 53 24.01 -10.34 10.89
N ILE B 54 23.22 -9.38 10.43
CA ILE B 54 22.67 -9.42 9.08
C ILE B 54 23.86 -9.26 8.12
N ASN B 55 24.64 -8.22 8.30
CA ASN B 55 25.82 -7.94 7.46
C ASN B 55 26.87 -9.06 7.53
N GLY B 56 26.95 -9.81 8.64
CA GLY B 56 27.93 -10.93 8.69
C GLY B 56 27.42 -12.28 8.22
N ASN B 57 26.12 -12.37 7.97
CA ASN B 57 25.47 -13.60 7.59
C ASN B 57 25.74 -14.01 6.13
N PRO B 58 26.42 -15.17 5.94
CA PRO B 58 26.84 -15.67 4.61
C PRO B 58 25.68 -16.02 3.63
N LYS B 59 24.52 -16.37 4.20
CA LYS B 59 23.36 -16.76 3.42
C LYS B 59 22.64 -15.53 2.91
N VAL B 60 22.59 -14.47 3.73
CA VAL B 60 22.11 -13.14 3.32
C VAL B 60 22.90 -12.64 2.13
N ALA B 61 24.21 -12.68 2.28
CA ALA B 61 25.13 -12.25 1.25
C ALA B 61 24.97 -13.02 0.00
N HIS B 62 24.94 -14.35 0.15
CA HIS B 62 24.83 -15.25 -0.99
C HIS B 62 23.58 -14.95 -1.70
N HIS B 63 22.52 -14.74 -0.90
CA HIS B 63 21.22 -14.59 -1.48
C HIS B 63 21.03 -13.20 -2.15
N GLY B 64 21.69 -12.15 -1.62
CA GLY B 64 21.76 -10.83 -2.28
C GLY B 64 22.39 -10.96 -3.64
N LYS B 65 23.45 -11.71 -3.78
CA LYS B 65 23.98 -12.05 -5.09
C LYS B 65 22.95 -12.73 -6.03
N VAL B 66 22.21 -13.69 -5.46
CA VAL B 66 21.21 -14.46 -6.21
C VAL B 66 20.08 -13.54 -6.68
N VAL B 67 19.64 -12.64 -5.81
CA VAL B 67 18.73 -11.54 -6.28
C VAL B 67 19.28 -10.74 -7.47
N MET B 68 20.54 -10.30 -7.43
CA MET B 68 21.12 -9.57 -8.58
C MET B 68 21.16 -10.41 -9.84
N GLY B 69 21.33 -11.72 -9.66
CA GLY B 69 21.13 -12.73 -10.70
C GLY B 69 19.73 -12.83 -11.28
N GLY B 70 18.66 -12.69 -10.47
CA GLY B 70 17.30 -12.49 -10.99
C GLY B 70 17.18 -11.23 -11.87
N LEU B 71 17.84 -10.14 -11.45
CA LEU B 71 17.85 -8.92 -12.20
C LEU B 71 18.60 -9.04 -13.53
N GLU B 72 19.81 -9.58 -13.47
CA GLU B 72 20.59 -9.90 -14.67
C GLU B 72 19.77 -10.76 -15.71
N ARG B 73 18.93 -11.70 -15.23
CA ARG B 73 18.03 -12.49 -16.07
C ARG B 73 16.96 -11.60 -16.75
N ALA B 74 16.50 -10.57 -16.05
CA ALA B 74 15.60 -9.62 -16.71
C ALA B 74 16.33 -8.72 -17.69
N ILE B 75 17.62 -8.49 -17.47
CA ILE B 75 18.45 -7.61 -18.26
C ILE B 75 18.54 -8.22 -19.67
N LYS B 76 18.96 -9.48 -19.71
CA LYS B 76 19.22 -10.27 -20.96
C LYS B 76 17.98 -10.62 -21.82
N ASN B 77 16.80 -10.42 -21.21
CA ASN B 77 15.47 -10.69 -21.74
C ASN B 77 14.51 -9.49 -21.66
N MET B 78 15.05 -8.28 -21.76
CA MET B 78 14.29 -7.05 -21.53
C MET B 78 12.99 -6.87 -22.27
N ASP B 79 12.83 -7.57 -23.40
CA ASP B 79 11.58 -7.47 -24.17
C ASP B 79 10.57 -8.51 -23.73
N ASN B 80 11.05 -9.57 -23.09
CA ASN B 80 10.16 -10.59 -22.57
C ASN B 80 10.34 -10.94 -21.05
N ILE B 81 10.18 -9.93 -20.21
CA ILE B 81 10.60 -10.14 -18.84
C ILE B 81 9.59 -11.03 -18.15
N LYS B 82 8.32 -10.75 -18.40
CA LYS B 82 7.25 -11.47 -17.74
C LYS B 82 7.42 -13.00 -17.91
N ALA B 83 7.90 -13.41 -19.07
CA ALA B 83 8.01 -14.81 -19.37
C ALA B 83 9.22 -15.40 -18.67
N ALA B 84 10.30 -14.62 -18.62
CA ALA B 84 11.54 -15.04 -17.93
C ALA B 84 11.33 -15.32 -16.47
N TYR B 85 10.31 -14.70 -15.90
CA TYR B 85 10.10 -14.70 -14.45
C TYR B 85 9.01 -15.67 -14.06
N SER B 86 8.42 -16.32 -15.04
CA SER B 86 7.21 -17.10 -14.79
C SER B 86 7.31 -18.09 -13.62
N SER B 87 8.43 -18.78 -13.51
CA SER B 87 8.71 -19.69 -12.38
C SER B 87 8.92 -18.93 -11.09
N LEU B 88 9.71 -17.84 -11.18
CA LEU B 88 9.93 -16.92 -10.07
C LEU B 88 8.64 -16.37 -9.47
N SER B 89 7.76 -15.80 -10.31
CA SER B 89 6.40 -15.45 -9.93
C SER B 89 5.74 -16.59 -9.12
N VAL B 90 5.73 -17.84 -9.64
CA VAL B 90 5.03 -18.95 -8.97
C VAL B 90 5.63 -19.21 -7.62
N MET B 91 6.96 -19.20 -7.58
CA MET B 91 7.66 -19.43 -6.31
C MET B 91 7.42 -18.31 -5.27
N HIS B 92 7.38 -17.04 -5.70
CA HIS B 92 7.08 -15.91 -4.82
C HIS B 92 5.56 -15.69 -4.52
N SER B 93 4.69 -15.90 -5.53
CA SER B 93 3.20 -15.99 -5.29
C SER B 93 2.86 -17.26 -4.59
N GLU B 94 2.73 -18.32 -5.40
CA GLU B 94 1.99 -19.54 -4.99
C GLU B 94 2.70 -20.35 -3.90
N LYS B 95 3.97 -20.05 -3.63
CA LYS B 95 4.73 -20.91 -2.71
C LYS B 95 5.25 -20.20 -1.48
N LEU B 96 5.91 -19.05 -1.66
CA LEU B 96 6.31 -18.27 -0.50
C LEU B 96 5.19 -17.32 0.07
N HIS B 97 4.19 -16.98 -0.78
CA HIS B 97 3.14 -15.98 -0.44
C HIS B 97 3.80 -14.71 0.10
N VAL B 98 4.72 -14.16 -0.69
CA VAL B 98 5.37 -12.94 -0.35
C VAL B 98 4.34 -11.87 -0.80
N ASP B 99 3.86 -11.06 0.14
CA ASP B 99 2.97 -9.96 -0.27
C ASP B 99 3.77 -9.05 -1.22
N PRO B 100 3.18 -8.78 -2.43
CA PRO B 100 3.84 -8.02 -3.55
C PRO B 100 4.47 -6.72 -3.06
N ASP B 101 3.97 -6.16 -1.97
CA ASP B 101 4.46 -4.81 -1.61
C ASP B 101 5.90 -4.91 -1.23
N ASN B 102 6.30 -6.13 -0.84
CA ASN B 102 7.65 -6.40 -0.52
C ASN B 102 8.58 -6.35 -1.68
N PHE B 103 8.14 -6.72 -2.86
CA PHE B 103 9.05 -6.68 -4.00
C PHE B 103 9.33 -5.20 -4.23
N ARG B 104 8.36 -4.32 -3.92
CA ARG B 104 8.59 -2.88 -4.11
C ARG B 104 9.66 -2.37 -3.13
N LEU B 105 9.65 -2.95 -1.94
CA LEU B 105 10.48 -2.49 -0.86
C LEU B 105 11.94 -2.83 -1.16
N LEU B 106 12.16 -4.06 -1.67
CA LEU B 106 13.49 -4.52 -2.13
C LEU B 106 14.03 -3.77 -3.29
N ALA B 107 13.26 -3.60 -4.34
CA ALA B 107 13.57 -2.70 -5.46
C ALA B 107 13.96 -1.31 -4.96
N ASP B 108 13.19 -0.73 -4.01
CA ASP B 108 13.59 0.51 -3.38
C ASP B 108 14.92 0.41 -2.64
N CYS B 109 15.18 -0.67 -1.94
CA CYS B 109 16.44 -0.71 -1.21
C CYS B 109 17.59 -0.87 -2.22
N ILE B 110 17.35 -1.63 -3.29
CA ILE B 110 18.30 -1.68 -4.41
C ILE B 110 18.59 -0.29 -4.96
N THR B 111 17.56 0.42 -5.35
CA THR B 111 17.76 1.78 -5.83
C THR B 111 18.61 2.59 -4.84
N VAL B 112 18.26 2.51 -3.55
CA VAL B 112 18.94 3.35 -2.58
C VAL B 112 20.44 3.03 -2.62
N CYS B 113 20.83 1.74 -2.63
CA CYS B 113 22.20 1.34 -2.60
C CYS B 113 22.90 1.70 -3.95
N VAL B 114 22.20 1.64 -5.06
CA VAL B 114 22.76 2.08 -6.33
C VAL B 114 23.09 3.58 -6.23
N ALA B 115 22.09 4.43 -5.98
CA ALA B 115 22.24 5.88 -5.68
C ALA B 115 23.40 6.21 -4.80
N MET B 116 23.49 5.55 -3.64
CA MET B 116 24.56 5.75 -2.68
C MET B 116 25.92 5.49 -3.28
N LYS B 117 26.03 4.46 -4.09
CA LYS B 117 27.31 4.10 -4.69
C LYS B 117 27.72 5.08 -5.81
N PHE B 118 26.78 5.58 -6.61
CA PHE B 118 27.12 6.28 -7.87
C PHE B 118 27.12 7.78 -7.72
N GLY B 119 26.30 8.24 -6.79
CA GLY B 119 26.22 9.65 -6.47
C GLY B 119 25.51 10.37 -7.59
N PRO B 120 25.40 11.70 -7.46
CA PRO B 120 24.58 12.59 -8.31
C PRO B 120 24.94 12.66 -9.79
N SER B 121 26.20 12.40 -10.13
CA SER B 121 26.74 12.64 -11.46
C SER B 121 26.48 11.45 -12.33
N ALA B 122 26.49 10.27 -11.71
CA ALA B 122 26.17 8.98 -12.36
C ALA B 122 24.74 8.54 -12.17
N PHE B 123 24.11 8.92 -11.03
CA PHE B 123 22.71 8.49 -10.78
C PHE B 123 21.73 9.64 -11.00
N THR B 124 21.63 9.89 -12.27
CA THR B 124 21.02 11.02 -12.91
C THR B 124 19.50 10.81 -12.85
N PRO B 125 18.71 11.88 -12.82
CA PRO B 125 17.27 11.66 -12.90
C PRO B 125 16.86 10.70 -14.04
N ASP B 126 17.54 10.80 -15.20
CA ASP B 126 17.03 10.16 -16.41
C ASP B 126 17.40 8.75 -16.30
N VAL B 127 18.48 8.49 -15.61
CA VAL B 127 18.94 7.14 -15.29
C VAL B 127 18.01 6.46 -14.27
N GLN B 128 17.68 7.15 -13.18
CA GLN B 128 16.69 6.72 -12.23
C GLN B 128 15.42 6.46 -12.88
N GLU B 129 15.07 7.27 -13.85
CA GLU B 129 13.77 7.03 -14.55
C GLU B 129 13.65 5.66 -15.17
N ALA B 130 14.73 5.24 -15.79
CA ALA B 130 14.81 4.05 -16.65
C ALA B 130 15.09 2.81 -15.80
N TRP B 131 15.95 2.97 -14.84
CA TRP B 131 16.08 2.02 -13.74
C TRP B 131 14.76 1.73 -13.09
N GLN B 132 13.99 2.76 -12.75
CA GLN B 132 12.74 2.50 -12.16
C GLN B 132 11.75 1.83 -13.09
N LYS B 133 11.63 2.23 -14.34
CA LYS B 133 10.75 1.48 -15.25
C LYS B 133 11.15 -0.02 -15.32
N PHE B 134 12.43 -0.25 -15.24
CA PHE B 134 12.89 -1.55 -15.27
C PHE B 134 12.44 -2.31 -14.02
N LEU B 135 12.77 -1.79 -12.83
CA LEU B 135 12.35 -2.48 -11.63
C LEU B 135 10.84 -2.66 -11.51
N ALA B 136 10.08 -1.77 -12.14
CA ALA B 136 8.61 -1.88 -12.09
C ALA B 136 8.16 -3.03 -13.05
N VAL B 137 8.93 -3.29 -14.10
CA VAL B 137 8.59 -4.41 -14.88
C VAL B 137 8.93 -5.66 -14.08
N VAL B 138 10.00 -5.63 -13.36
CA VAL B 138 10.43 -6.84 -12.65
C VAL B 138 9.44 -7.18 -11.56
N VAL B 139 9.09 -6.17 -10.81
CA VAL B 139 8.24 -6.31 -9.69
C VAL B 139 6.91 -6.79 -10.22
N ALA B 140 6.44 -6.22 -11.33
CA ALA B 140 5.18 -6.62 -11.93
C ALA B 140 5.26 -8.11 -12.15
N ALA B 141 6.29 -8.50 -12.90
CA ALA B 141 6.50 -9.89 -13.34
C ALA B 141 6.73 -10.88 -12.16
N LEU B 142 7.03 -10.37 -10.98
CA LEU B 142 7.17 -11.25 -9.81
C LEU B 142 5.99 -11.79 -8.93
N SER B 143 5.08 -11.06 -8.27
CA SER B 143 3.87 -10.41 -8.78
C SER B 143 3.05 -11.37 -9.64
N ARG B 144 1.87 -11.70 -9.10
CA ARG B 144 0.93 -12.70 -9.60
C ARG B 144 0.56 -12.60 -11.09
N TYR B 145 0.59 -13.76 -11.73
CA TYR B 145 0.22 -13.84 -13.13
C TYR B 145 -1.17 -14.35 -13.47
N HIS B 146 -2.03 -13.34 -13.58
CA HIS B 146 -3.46 -13.46 -13.78
C HIS B 146 -3.78 -13.53 -15.29
N SER C 1 -5.81 9.80 12.09
CA SER C 1 -6.09 9.98 13.59
C SER C 1 -7.59 10.29 13.83
N LEU C 2 -8.13 9.82 14.95
CA LEU C 2 -9.56 9.83 15.12
C LEU C 2 -9.96 11.21 15.58
N SER C 3 -11.04 11.73 15.00
CA SER C 3 -11.60 12.97 15.47
C SER C 3 -12.64 12.59 16.57
N ASP C 4 -13.17 13.57 17.32
CA ASP C 4 -14.17 13.23 18.38
C ASP C 4 -15.43 12.71 17.73
N LYS C 5 -15.65 13.11 16.50
CA LYS C 5 -16.80 12.54 15.76
C LYS C 5 -16.63 11.03 15.44
N ASP C 6 -15.37 10.61 15.16
CA ASP C 6 -15.00 9.20 14.96
C ASP C 6 -15.24 8.32 16.17
N LYS C 7 -14.81 8.78 17.36
CA LYS C 7 -14.93 7.98 18.58
C LYS C 7 -16.37 7.65 18.77
N ASP C 8 -17.22 8.67 18.56
CA ASP C 8 -18.68 8.61 18.81
C ASP C 8 -19.29 7.56 17.88
N SER C 9 -18.92 7.61 16.60
CA SER C 9 -19.52 6.70 15.67
C SER C 9 -19.18 5.27 16.01
N ILE C 10 -17.90 5.08 16.34
CA ILE C 10 -17.35 3.78 16.78
C ILE C 10 -17.89 3.30 18.15
N LYS C 11 -17.87 4.16 19.15
CA LYS C 11 -18.49 3.81 20.44
C LYS C 11 -19.94 3.47 20.19
N ALA C 12 -20.58 4.23 19.30
CA ALA C 12 -21.97 4.00 19.08
C ALA C 12 -22.16 2.68 18.38
N PHE C 13 -21.38 2.47 17.34
CA PHE C 13 -21.52 1.29 16.51
C PHE C 13 -21.22 0.04 17.31
N TRP C 14 -20.25 0.16 18.20
CA TRP C 14 -19.83 -0.97 19.01
C TRP C 14 -20.99 -1.42 19.96
N ALA C 15 -21.60 -0.43 20.62
CA ALA C 15 -22.79 -0.64 21.40
C ALA C 15 -23.84 -1.43 20.59
N LYS C 16 -23.95 -1.20 19.28
CA LYS C 16 -24.92 -1.96 18.46
C LYS C 16 -24.43 -3.32 18.11
N ILE C 17 -23.12 -3.44 18.05
CA ILE C 17 -22.49 -4.51 17.31
C ILE C 17 -21.98 -5.60 18.20
N SER C 18 -21.72 -5.19 19.46
CA SER C 18 -20.97 -6.02 20.42
C SER C 18 -21.59 -7.38 20.91
N PRO C 19 -22.94 -7.52 20.99
CA PRO C 19 -23.51 -8.89 21.18
C PRO C 19 -23.05 -9.95 20.19
N LYS C 20 -22.81 -9.56 18.94
CA LYS C 20 -22.47 -10.47 17.89
C LYS C 20 -20.96 -10.49 17.64
N ALA C 21 -20.21 -9.95 18.56
CA ALA C 21 -18.80 -9.78 18.39
C ALA C 21 -17.95 -11.07 18.22
N GLU C 22 -18.24 -12.14 18.95
CA GLU C 22 -17.68 -13.50 18.68
C GLU C 22 -17.87 -13.91 17.24
N ASP C 23 -19.10 -13.87 16.72
CA ASP C 23 -19.32 -14.23 15.37
C ASP C 23 -18.70 -13.24 14.39
N ILE C 24 -18.56 -11.93 14.70
CA ILE C 24 -17.90 -11.00 13.75
C ILE C 24 -16.46 -11.51 13.65
N GLY C 25 -15.93 -11.94 14.80
CA GLY C 25 -14.51 -12.31 14.87
C GLY C 25 -14.33 -13.64 14.20
N ALA C 26 -15.22 -14.58 14.46
CA ALA C 26 -15.17 -15.88 13.78
C ALA C 26 -15.27 -15.66 12.30
N ASP C 27 -16.24 -14.89 11.84
CA ASP C 27 -16.51 -14.79 10.38
C ASP C 27 -15.32 -14.08 9.71
N ALA C 28 -14.82 -13.00 10.32
CA ALA C 28 -13.69 -12.21 9.79
C ALA C 28 -12.39 -13.05 9.65
N LEU C 29 -12.07 -13.79 10.73
CA LEU C 29 -10.86 -14.55 10.73
C LEU C 29 -11.01 -15.62 9.73
N ALA C 30 -12.14 -16.35 9.69
CA ALA C 30 -12.07 -17.41 8.76
C ALA C 30 -12.29 -17.01 7.33
N ARG C 31 -12.90 -15.84 7.03
CA ARG C 31 -12.81 -15.34 5.66
C ARG C 31 -11.41 -14.87 5.37
N MET C 32 -10.71 -14.29 6.33
CA MET C 32 -9.36 -13.93 5.99
C MET C 32 -8.67 -15.17 5.50
N LEU C 33 -8.72 -16.26 6.30
CA LEU C 33 -7.91 -17.48 6.02
C LEU C 33 -8.22 -18.11 4.67
N THR C 34 -9.48 -18.15 4.28
CA THR C 34 -9.74 -18.76 3.00
C THR C 34 -9.59 -17.75 1.84
N VAL C 35 -10.04 -16.52 2.01
CA VAL C 35 -10.00 -15.55 0.86
C VAL C 35 -8.57 -15.02 0.63
N TYR C 36 -7.71 -15.05 1.66
CA TYR C 36 -6.33 -14.58 1.51
C TYR C 36 -5.40 -15.55 2.18
N PRO C 37 -5.14 -16.72 1.51
CA PRO C 37 -4.49 -17.91 1.99
C PRO C 37 -3.04 -17.70 2.35
N GLN C 38 -2.50 -16.62 1.82
CA GLN C 38 -1.25 -16.09 2.27
C GLN C 38 -1.22 -15.92 3.78
N THR C 39 -2.35 -15.68 4.41
CA THR C 39 -2.34 -15.47 5.85
C THR C 39 -2.29 -16.81 6.66
N LYS C 40 -2.52 -17.92 5.98
CA LYS C 40 -2.68 -19.20 6.65
C LYS C 40 -1.37 -19.61 7.30
N THR C 41 -0.26 -19.16 6.79
CA THR C 41 1.04 -19.53 7.30
C THR C 41 1.27 -19.15 8.73
N TYR C 42 0.51 -18.17 9.27
CA TYR C 42 0.75 -17.63 10.62
C TYR C 42 0.13 -18.49 11.67
N PHE C 43 -0.83 -19.28 11.24
CA PHE C 43 -1.68 -20.11 12.11
C PHE C 43 -1.48 -21.59 11.75
N SER C 44 -0.46 -21.90 10.96
CA SER C 44 -0.15 -23.30 10.59
C SER C 44 -0.14 -24.33 11.73
N HIS C 45 0.19 -23.88 12.95
CA HIS C 45 0.15 -24.70 14.15
C HIS C 45 -1.24 -24.93 14.74
N TRP C 46 -2.29 -24.44 14.07
CA TRP C 46 -3.62 -24.79 14.55
C TRP C 46 -4.08 -26.10 13.89
N LYS C 47 -5.02 -26.79 14.55
CA LYS C 47 -5.48 -28.12 14.13
C LYS C 47 -6.31 -27.94 12.89
N ASP C 48 -7.26 -27.03 12.97
CA ASP C 48 -8.18 -26.73 11.87
C ASP C 48 -8.16 -25.19 11.59
N LEU C 49 -8.08 -24.80 10.31
CA LEU C 49 -8.14 -23.42 9.85
C LEU C 49 -9.42 -23.11 9.05
N SER C 50 -10.29 -24.14 8.86
CA SER C 50 -11.50 -23.92 8.04
C SER C 50 -12.50 -23.01 8.74
N PRO C 51 -13.33 -22.29 7.95
CA PRO C 51 -14.31 -21.49 8.64
C PRO C 51 -15.13 -22.30 9.66
N GLY C 52 -15.40 -21.68 10.80
CA GLY C 52 -16.33 -22.31 11.68
C GLY C 52 -15.67 -23.34 12.57
N SER C 53 -14.43 -23.71 12.25
CA SER C 53 -13.71 -24.64 13.09
C SER C 53 -13.55 -24.02 14.42
N ALA C 54 -13.15 -24.86 15.37
CA ALA C 54 -13.06 -24.50 16.77
C ALA C 54 -11.93 -23.45 17.02
N PRO C 55 -10.68 -23.72 16.59
CA PRO C 55 -9.61 -22.71 16.78
C PRO C 55 -9.97 -21.33 16.11
N VAL C 56 -10.61 -21.37 14.93
CA VAL C 56 -11.09 -20.17 14.26
C VAL C 56 -12.09 -19.38 15.15
N LYS C 57 -13.09 -20.10 15.70
CA LYS C 57 -14.05 -19.46 16.59
C LYS C 57 -13.40 -18.93 17.87
N LYS C 58 -12.48 -19.69 18.43
CA LYS C 58 -11.90 -19.28 19.64
C LYS C 58 -11.01 -18.09 19.40
N HIS C 59 -10.13 -18.15 18.40
CA HIS C 59 -9.29 -16.99 18.11
C HIS C 59 -10.06 -15.72 17.68
N GLY C 60 -11.18 -15.82 16.95
CA GLY C 60 -12.01 -14.66 16.59
C GLY C 60 -12.66 -13.87 17.73
N LYS C 61 -13.06 -14.60 18.77
CA LYS C 61 -13.54 -13.96 19.95
C LYS C 61 -12.37 -13.20 20.56
N THR C 62 -11.17 -13.74 20.51
CA THR C 62 -9.94 -13.05 21.03
C THR C 62 -9.63 -11.73 20.30
N VAL C 63 -9.65 -11.76 18.95
CA VAL C 63 -9.38 -10.57 18.18
C VAL C 63 -10.36 -9.53 18.63
N MET C 64 -11.64 -9.91 18.67
CA MET C 64 -12.70 -8.95 18.92
C MET C 64 -12.78 -8.46 20.36
N GLY C 65 -12.35 -9.24 21.34
CA GLY C 65 -12.30 -8.76 22.67
C GLY C 65 -11.14 -7.75 22.76
N SER C 66 -10.10 -7.92 21.99
CA SER C 66 -9.06 -6.95 22.01
C SER C 66 -9.54 -5.71 21.24
N VAL C 67 -10.32 -5.92 20.18
CA VAL C 67 -10.92 -4.78 19.54
C VAL C 67 -11.89 -4.02 20.51
N ALA C 68 -12.74 -4.74 21.26
CA ALA C 68 -13.47 -4.29 22.44
C ALA C 68 -12.70 -3.41 23.35
N GLU C 69 -11.56 -3.86 23.87
CA GLU C 69 -10.79 -2.92 24.72
C GLU C 69 -10.30 -1.73 24.04
N ALA C 70 -9.98 -1.81 22.76
CA ALA C 70 -9.38 -0.64 22.15
C ALA C 70 -10.50 0.41 22.01
N VAL C 71 -11.70 -0.03 21.70
CA VAL C 71 -12.86 0.86 21.79
C VAL C 71 -13.07 1.51 23.18
N SER C 72 -13.03 0.73 24.26
CA SER C 72 -13.04 1.22 25.62
C SER C 72 -11.97 2.24 25.76
N LYS C 73 -10.82 1.94 25.16
CA LYS C 73 -9.63 2.73 25.38
C LYS C 73 -9.28 3.62 24.21
N ILE C 74 -10.26 4.00 23.42
CA ILE C 74 -10.05 4.67 22.15
C ILE C 74 -9.41 6.10 22.20
N ASP C 75 -9.11 6.64 23.39
CA ASP C 75 -8.54 8.00 23.43
C ASP C 75 -7.07 7.79 23.48
N ASP C 76 -6.69 6.68 24.08
CA ASP C 76 -5.30 6.28 24.16
C ASP C 76 -5.05 4.89 23.55
N LEU C 77 -5.25 4.77 22.25
CA LEU C 77 -5.00 3.50 21.55
C LEU C 77 -3.62 2.95 21.78
N THR C 78 -2.62 3.80 21.83
CA THR C 78 -1.31 3.23 22.05
C THR C 78 -1.18 2.35 23.30
N ASN C 79 -1.50 2.92 24.44
CA ASN C 79 -1.40 2.24 25.69
C ASN C 79 -2.79 1.69 25.77
N GLY C 80 -2.93 0.37 25.72
CA GLY C 80 -4.19 -0.19 25.18
C GLY C 80 -3.85 -1.28 24.17
N LEU C 81 -2.79 -1.09 23.36
CA LEU C 81 -2.41 -1.98 22.24
C LEU C 81 -0.98 -2.51 22.24
N LEU C 82 -0.07 -1.80 22.90
CA LEU C 82 1.39 -2.05 22.95
C LEU C 82 1.84 -3.49 23.24
N THR C 83 1.21 -4.09 24.26
CA THR C 83 1.14 -5.54 24.53
C THR C 83 1.13 -6.22 23.16
N LEU C 84 0.16 -5.88 22.35
CA LEU C 84 -0.10 -6.61 21.08
C LEU C 84 0.80 -6.18 19.94
N SER C 85 1.45 -5.03 20.08
CA SER C 85 2.44 -4.65 19.08
C SER C 85 3.63 -5.51 19.14
N GLU C 86 4.09 -5.73 20.35
CA GLU C 86 5.27 -6.55 20.58
C GLU C 86 5.06 -7.94 20.07
N LEU C 87 3.95 -8.56 20.44
CA LEU C 87 3.52 -9.86 19.90
C LEU C 87 3.62 -9.86 18.38
N HIS C 88 2.87 -9.00 17.72
CA HIS C 88 2.68 -9.16 16.33
C HIS C 88 3.88 -8.68 15.56
N ALA C 89 4.52 -7.62 16.02
CA ALA C 89 5.42 -6.92 15.14
C ALA C 89 6.80 -7.37 15.43
N PHE C 90 7.09 -7.61 16.72
CA PHE C 90 8.40 -8.18 17.17
C PHE C 90 8.52 -9.71 17.11
N GLN C 91 7.69 -10.44 17.85
CA GLN C 91 7.83 -11.87 17.96
C GLN C 91 7.40 -12.57 16.65
N LEU C 92 6.14 -12.42 16.21
CA LEU C 92 5.57 -13.06 14.99
C LEU C 92 5.93 -12.42 13.66
N ARG C 93 6.52 -11.23 13.68
CA ARG C 93 6.97 -10.54 12.47
C ARG C 93 5.87 -10.61 11.38
N VAL C 94 4.61 -10.43 11.80
CA VAL C 94 3.52 -10.32 10.90
C VAL C 94 3.64 -9.19 9.91
N ASP C 95 3.56 -9.52 8.63
CA ASP C 95 3.56 -8.53 7.56
C ASP C 95 2.44 -7.50 7.82
N PRO C 96 2.82 -6.21 7.90
CA PRO C 96 1.86 -5.09 8.08
C PRO C 96 0.80 -5.10 6.96
N ALA C 97 1.14 -5.52 5.78
CA ALA C 97 0.10 -5.84 4.80
C ALA C 97 -1.11 -6.64 5.30
N ASN C 98 -0.97 -7.57 6.24
CA ASN C 98 -2.09 -8.36 6.60
C ASN C 98 -3.03 -7.63 7.55
N PHE C 99 -2.53 -6.56 8.18
CA PHE C 99 -3.35 -5.80 9.06
C PHE C 99 -4.45 -5.28 8.21
N LYS C 100 -4.19 -4.77 7.01
CA LYS C 100 -5.35 -4.25 6.28
C LYS C 100 -6.26 -5.28 5.67
N ILE C 101 -5.73 -6.48 5.40
CA ILE C 101 -6.55 -7.58 4.98
C ILE C 101 -7.48 -7.91 6.14
N LEU C 102 -7.04 -7.91 7.38
CA LEU C 102 -7.97 -8.27 8.46
C LEU C 102 -8.98 -7.22 8.61
N SER C 103 -8.56 -5.96 8.53
CA SER C 103 -9.57 -4.93 8.81
C SER C 103 -10.58 -4.89 7.73
N HIS C 104 -10.18 -5.16 6.50
CA HIS C 104 -11.13 -5.33 5.46
C HIS C 104 -12.18 -6.47 5.72
N ASN C 105 -11.75 -7.62 6.23
CA ASN C 105 -12.67 -8.74 6.41
C ASN C 105 -13.60 -8.49 7.53
N LEU C 106 -13.09 -7.84 8.52
CA LEU C 106 -13.86 -7.15 9.55
C LEU C 106 -14.98 -6.29 9.04
N LEU C 107 -14.68 -5.24 8.24
CA LEU C 107 -15.71 -4.36 7.60
CA LEU C 107 -15.71 -4.37 7.67
C LEU C 107 -16.74 -5.12 6.81
N VAL C 108 -16.27 -6.09 6.02
CA VAL C 108 -17.18 -6.84 5.17
C VAL C 108 -18.11 -7.54 6.12
N VAL C 109 -17.59 -8.13 7.17
CA VAL C 109 -18.47 -8.90 8.06
C VAL C 109 -19.47 -8.02 8.82
N LEU C 110 -19.00 -6.91 9.42
CA LEU C 110 -19.86 -5.94 10.04
C LEU C 110 -20.91 -5.51 9.05
N ALA C 111 -20.56 -5.07 7.87
CA ALA C 111 -21.63 -4.65 7.00
C ALA C 111 -22.55 -5.77 6.61
N GLN C 112 -22.04 -7.00 6.43
CA GLN C 112 -22.84 -8.15 6.13
C GLN C 112 -23.85 -8.48 7.24
N GLN C 113 -23.46 -8.30 8.48
CA GLN C 113 -24.36 -8.66 9.49
C GLN C 113 -25.23 -7.55 10.01
N PHE C 114 -24.81 -6.30 9.79
CA PHE C 114 -25.55 -5.16 10.24
C PHE C 114 -25.70 -4.16 9.10
N PRO C 115 -26.28 -4.56 7.94
CA PRO C 115 -26.35 -3.64 6.77
C PRO C 115 -27.10 -2.34 7.10
N ASN C 116 -28.26 -2.52 7.77
CA ASN C 116 -28.98 -1.51 8.45
C ASN C 116 -28.18 -0.31 8.85
N ASP C 117 -27.11 -0.59 9.57
CA ASP C 117 -26.34 0.38 10.28
C ASP C 117 -25.02 0.77 9.60
N PHE C 118 -24.58 0.00 8.63
CA PHE C 118 -23.24 0.24 8.17
C PHE C 118 -23.23 1.28 7.07
N THR C 119 -23.66 2.51 7.33
CA THR C 119 -23.59 3.63 6.39
C THR C 119 -22.15 4.00 5.95
N PRO C 120 -22.00 4.56 4.73
CA PRO C 120 -20.64 4.93 4.32
C PRO C 120 -20.03 5.75 5.45
N GLU C 121 -20.86 6.46 6.20
CA GLU C 121 -20.36 7.42 7.17
C GLU C 121 -19.89 6.64 8.43
N VAL C 122 -20.61 5.59 8.84
CA VAL C 122 -20.12 4.67 9.88
C VAL C 122 -18.78 4.00 9.35
N HIS C 123 -18.79 3.52 8.11
CA HIS C 123 -17.66 2.87 7.49
C HIS C 123 -16.34 3.71 7.52
N VAL C 124 -16.40 5.01 7.16
CA VAL C 124 -15.19 5.86 7.22
C VAL C 124 -14.56 5.86 8.60
N SER C 125 -15.42 6.01 9.62
CA SER C 125 -14.98 6.08 11.00
C SER C 125 -14.44 4.68 11.49
N MET C 126 -15.14 3.58 11.18
CA MET C 126 -14.57 2.28 11.47
C MET C 126 -13.29 1.97 10.74
N ASP C 127 -13.28 2.28 9.47
CA ASP C 127 -12.02 2.15 8.75
C ASP C 127 -10.89 2.87 9.38
N LYS C 128 -11.09 4.14 9.75
CA LYS C 128 -10.05 4.97 10.40
C LYS C 128 -9.59 4.42 11.72
N PHE C 129 -10.59 3.92 12.46
CA PHE C 129 -10.36 3.19 13.71
C PHE C 129 -9.49 2.00 13.51
N LEU C 130 -9.80 1.16 12.53
CA LEU C 130 -8.96 -0.03 12.23
C LEU C 130 -7.52 0.29 11.78
N SER C 131 -7.33 1.36 10.98
CA SER C 131 -5.98 1.84 10.62
C SER C 131 -5.20 2.36 11.76
N LEU C 132 -5.85 3.08 12.69
CA LEU C 132 -5.20 3.50 13.94
C LEU C 132 -4.70 2.34 14.76
N LEU C 133 -5.52 1.35 14.84
CA LEU C 133 -5.17 0.14 15.47
C LEU C 133 -4.00 -0.52 14.74
N SER C 134 -4.10 -0.74 13.43
CA SER C 134 -2.90 -1.13 12.68
C SER C 134 -1.63 -0.27 13.00
N TRP C 135 -1.73 1.06 12.89
CA TRP C 135 -0.62 1.99 13.24
C TRP C 135 -0.09 1.72 14.64
N SER C 136 -0.98 1.55 15.61
CA SER C 136 -0.60 1.15 16.97
C SER C 136 0.11 -0.22 16.99
N LEU C 137 -0.35 -1.24 16.25
CA LEU C 137 0.34 -2.53 16.23
C LEU C 137 1.69 -2.49 15.54
N SER C 138 1.93 -1.40 14.85
CA SER C 138 3.14 -1.19 14.05
C SER C 138 4.35 -0.67 14.85
N GLU C 139 4.08 -0.29 16.10
CA GLU C 139 5.09 0.42 16.88
CA GLU C 139 5.05 0.40 16.92
C GLU C 139 6.37 -0.35 17.10
N LYS C 140 6.27 -1.66 17.35
CA LYS C 140 7.51 -2.37 17.71
C LYS C 140 8.13 -3.00 16.57
N TYR C 141 7.77 -2.63 15.37
CA TYR C 141 8.44 -3.21 14.20
C TYR C 141 9.90 -2.92 14.10
N ARG C 142 10.32 -1.73 14.51
CA ARG C 142 11.66 -1.27 14.09
C ARG C 142 11.95 0.06 14.71
N VAL D 1 -5.39 -16.74 -16.49
CA VAL D 1 -5.93 -17.26 -15.19
C VAL D 1 -6.85 -18.42 -15.44
N GLU D 2 -6.75 -19.44 -14.60
CA GLU D 2 -7.69 -20.55 -14.76
C GLU D 2 -8.63 -20.62 -13.58
N TRP D 3 -9.89 -20.72 -13.94
CA TRP D 3 -10.94 -20.70 -12.98
C TRP D 3 -11.38 -22.13 -12.84
N SER D 4 -11.37 -22.66 -11.62
CA SER D 4 -12.05 -23.90 -11.35
C SER D 4 -13.52 -23.72 -11.85
N THR D 5 -14.33 -24.79 -11.83
CA THR D 5 -15.76 -24.68 -12.17
C THR D 5 -16.53 -24.22 -10.93
N ALA D 6 -16.07 -24.68 -9.78
CA ALA D 6 -16.50 -24.10 -8.53
C ALA D 6 -16.50 -22.52 -8.60
N GLU D 7 -15.41 -21.93 -9.09
CA GLU D 7 -15.20 -20.47 -9.16
C GLU D 7 -16.07 -19.78 -10.21
N ARG D 8 -16.02 -20.32 -11.42
CA ARG D 8 -16.94 -19.85 -12.46
C ARG D 8 -18.34 -19.77 -11.96
N SER D 9 -18.76 -20.85 -11.32
CA SER D 9 -20.18 -21.03 -10.93
C SER D 9 -20.54 -20.13 -9.76
N ALA D 10 -19.57 -20.03 -8.84
CA ALA D 10 -19.73 -19.10 -7.71
C ALA D 10 -19.85 -17.66 -8.22
N ILE D 11 -19.01 -17.31 -9.20
CA ILE D 11 -19.00 -15.98 -9.82
C ILE D 11 -20.24 -15.60 -10.66
N ALA D 12 -20.67 -16.46 -11.61
CA ALA D 12 -21.89 -16.26 -12.40
C ALA D 12 -23.14 -16.21 -11.55
N GLY D 13 -23.21 -17.03 -10.49
CA GLY D 13 -24.37 -17.03 -9.56
C GLY D 13 -24.47 -15.84 -8.61
N LEU D 14 -23.32 -15.36 -8.13
CA LEU D 14 -23.30 -14.09 -7.46
C LEU D 14 -23.80 -13.04 -8.44
N TRP D 15 -23.12 -12.94 -9.60
CA TRP D 15 -23.32 -11.88 -10.53
C TRP D 15 -24.82 -11.79 -10.87
N GLY D 16 -25.44 -12.96 -11.07
CA GLY D 16 -26.78 -13.07 -11.57
C GLY D 16 -27.80 -12.59 -10.57
N LYS D 17 -27.44 -12.52 -9.30
CA LYS D 17 -28.31 -11.79 -8.38
C LYS D 17 -27.99 -10.30 -8.07
N ILE D 18 -26.94 -9.75 -8.69
CA ILE D 18 -26.59 -8.36 -8.46
C ILE D 18 -27.67 -7.47 -9.08
N SER D 19 -28.26 -6.56 -8.30
CA SER D 19 -28.90 -5.42 -8.97
C SER D 19 -27.86 -4.35 -9.23
N VAL D 20 -27.41 -4.29 -10.48
CA VAL D 20 -26.48 -3.28 -10.96
C VAL D 20 -26.92 -1.80 -10.70
N ASP D 21 -28.18 -1.50 -11.02
CA ASP D 21 -28.85 -0.31 -10.49
C ASP D 21 -28.77 -0.68 -9.04
N GLU D 22 -28.67 0.23 -8.11
CA GLU D 22 -28.49 -0.31 -6.73
C GLU D 22 -27.06 -0.61 -6.25
N ILE D 23 -26.43 -1.72 -6.68
CA ILE D 23 -25.07 -2.02 -6.19
C ILE D 23 -24.04 -1.01 -6.73
N GLY D 24 -24.33 -0.48 -7.93
CA GLY D 24 -23.47 0.47 -8.64
C GLY D 24 -23.37 1.74 -7.87
N PRO D 25 -24.47 2.46 -7.73
CA PRO D 25 -24.47 3.76 -7.05
C PRO D 25 -24.03 3.79 -5.58
N GLN D 26 -24.33 2.69 -4.85
CA GLN D 26 -23.82 2.34 -3.52
C GLN D 26 -22.33 2.18 -3.51
N ALA D 27 -21.76 1.38 -4.40
CA ALA D 27 -20.31 1.17 -4.40
C ALA D 27 -19.55 2.48 -4.57
N LEU D 28 -19.89 3.25 -5.60
CA LEU D 28 -19.24 4.54 -5.94
C LEU D 28 -19.39 5.58 -4.90
N SER D 29 -20.56 5.70 -4.34
CA SER D 29 -20.79 6.63 -3.26
C SER D 29 -19.94 6.25 -2.11
N ARG D 30 -20.01 4.96 -1.73
CA ARG D 30 -19.28 4.55 -0.54
C ARG D 30 -17.83 4.94 -0.84
N LEU D 31 -17.33 4.68 -2.07
CA LEU D 31 -15.93 5.00 -2.47
C LEU D 31 -15.63 6.49 -2.30
N LEU D 32 -16.51 7.36 -2.82
CA LEU D 32 -16.24 8.82 -2.76
C LEU D 32 -16.22 9.35 -1.35
N ILE D 33 -16.96 8.66 -0.46
CA ILE D 33 -17.15 9.08 0.92
C ILE D 33 -16.06 8.43 1.78
N VAL D 34 -15.79 7.14 1.57
CA VAL D 34 -14.73 6.48 2.39
C VAL D 34 -13.32 6.84 1.94
N TYR D 35 -13.10 7.01 0.64
CA TYR D 35 -11.77 7.45 0.13
C TYR D 35 -11.80 8.76 -0.65
N PRO D 36 -12.04 9.85 0.06
CA PRO D 36 -12.50 11.15 -0.45
C PRO D 36 -11.61 11.80 -1.50
N TRP D 37 -10.34 11.48 -1.46
CA TRP D 37 -9.41 12.03 -2.42
C TRP D 37 -9.84 11.61 -3.84
N THR D 38 -10.63 10.53 -3.93
CA THR D 38 -10.91 9.90 -5.24
C THR D 38 -11.90 10.85 -5.92
N GLN D 39 -12.51 11.74 -5.13
CA GLN D 39 -13.35 12.83 -5.62
C GLN D 39 -12.72 13.72 -6.73
N ARG D 40 -11.42 13.89 -6.65
CA ARG D 40 -10.57 14.52 -7.64
C ARG D 40 -10.70 14.02 -9.05
N HIS D 41 -10.70 12.70 -9.25
CA HIS D 41 -10.97 12.19 -10.61
C HIS D 41 -12.38 12.49 -11.06
N PHE D 42 -13.27 12.76 -10.13
CA PHE D 42 -14.68 12.91 -10.51
C PHE D 42 -15.25 14.32 -10.43
N ALA D 43 -14.37 15.30 -10.57
CA ALA D 43 -14.78 16.72 -10.61
C ALA D 43 -15.82 17.04 -11.71
N ALA D 44 -15.84 16.33 -12.84
CA ALA D 44 -16.99 16.45 -13.79
C ALA D 44 -18.43 16.32 -13.18
N PHE D 45 -18.51 15.73 -12.00
CA PHE D 45 -19.76 15.28 -11.42
C PHE D 45 -20.45 16.31 -10.51
N GLY D 46 -19.79 17.41 -10.27
CA GLY D 46 -20.46 18.44 -9.52
C GLY D 46 -20.06 18.45 -8.07
N ASN D 47 -21.11 18.44 -7.25
CA ASN D 47 -21.06 18.43 -5.79
C ASN D 47 -21.44 17.02 -5.31
N LEU D 48 -20.84 16.41 -4.27
CA LEU D 48 -19.45 16.05 -3.93
C LEU D 48 -18.93 16.48 -2.60
N SER D 49 -19.48 17.55 -2.02
CA SER D 49 -18.94 18.24 -0.84
C SER D 49 -19.40 17.64 0.52
N SER D 50 -20.27 16.64 0.51
CA SER D 50 -20.68 15.99 1.75
C SER D 50 -21.27 14.64 1.39
N PRO D 51 -21.32 13.67 2.35
CA PRO D 51 -22.06 12.42 2.23
C PRO D 51 -23.43 12.53 1.60
N ALA D 52 -24.32 13.39 2.08
CA ALA D 52 -25.65 13.46 1.48
C ALA D 52 -25.58 14.02 0.03
N ALA D 53 -24.65 14.92 -0.23
CA ALA D 53 -24.48 15.49 -1.57
C ALA D 53 -23.99 14.40 -2.56
N ILE D 54 -23.08 13.58 -2.02
CA ILE D 54 -22.48 12.58 -2.87
C ILE D 54 -23.55 11.62 -3.36
N ASN D 55 -24.33 11.11 -2.44
CA ASN D 55 -25.24 10.09 -2.88
C ASN D 55 -26.63 10.64 -3.15
N GLY D 56 -26.74 11.96 -3.05
CA GLY D 56 -27.79 12.75 -3.71
C GLY D 56 -27.37 13.30 -5.06
N ASN D 57 -26.13 12.98 -5.48
CA ASN D 57 -25.63 13.31 -6.81
C ASN D 57 -26.00 12.33 -7.94
N PRO D 58 -26.81 12.84 -8.91
CA PRO D 58 -27.33 11.94 -9.93
C PRO D 58 -26.24 11.35 -10.81
N LYS D 59 -25.11 12.03 -10.96
CA LYS D 59 -24.11 11.54 -11.90
C LYS D 59 -23.29 10.41 -11.31
N VAL D 60 -23.15 10.42 -9.98
CA VAL D 60 -22.43 9.36 -9.20
C VAL D 60 -23.19 8.10 -9.50
N ALA D 61 -24.43 8.11 -9.11
CA ALA D 61 -25.38 7.09 -9.36
C ALA D 61 -25.23 6.58 -10.76
N HIS D 62 -25.11 7.47 -11.70
CA HIS D 62 -25.20 6.98 -13.02
C HIS D 62 -23.81 6.37 -13.35
N HIS D 63 -22.71 7.03 -12.98
CA HIS D 63 -21.45 6.37 -13.15
C HIS D 63 -21.24 4.98 -12.38
N GLY D 64 -21.91 4.76 -11.24
CA GLY D 64 -21.81 3.52 -10.51
C GLY D 64 -22.39 2.41 -11.34
N LYS D 65 -23.54 2.64 -12.01
CA LYS D 65 -24.04 1.72 -13.05
C LYS D 65 -23.02 1.44 -14.16
N VAL D 66 -22.44 2.49 -14.76
CA VAL D 66 -21.24 2.28 -15.65
C VAL D 66 -20.08 1.39 -15.08
N VAL D 67 -19.69 1.60 -13.82
CA VAL D 67 -18.68 0.71 -13.23
C VAL D 67 -19.15 -0.75 -13.27
N MET D 68 -20.38 -1.00 -12.93
CA MET D 68 -20.92 -2.33 -12.94
C MET D 68 -20.98 -2.89 -14.34
N GLY D 69 -21.24 -1.98 -15.30
CA GLY D 69 -21.15 -2.29 -16.69
C GLY D 69 -19.78 -2.77 -17.07
N GLY D 70 -18.72 -2.18 -16.52
CA GLY D 70 -17.37 -2.67 -16.83
C GLY D 70 -17.12 -4.05 -16.26
N LEU D 71 -17.66 -4.32 -15.07
CA LEU D 71 -17.51 -5.58 -14.35
C LEU D 71 -18.17 -6.70 -15.17
N GLU D 72 -19.33 -6.43 -15.74
CA GLU D 72 -20.00 -7.34 -16.65
C GLU D 72 -19.19 -7.75 -17.84
N ARG D 73 -18.49 -6.76 -18.41
CA ARG D 73 -17.65 -7.05 -19.56
C ARG D 73 -16.67 -8.10 -19.16
N ALA D 74 -16.21 -8.00 -17.92
CA ALA D 74 -15.19 -8.96 -17.44
C ALA D 74 -15.87 -10.31 -17.18
N ILE D 75 -17.04 -10.29 -16.58
CA ILE D 75 -17.87 -11.49 -16.48
C ILE D 75 -18.00 -12.22 -17.83
N LYS D 76 -18.40 -11.51 -18.88
CA LYS D 76 -18.57 -12.17 -20.20
C LYS D 76 -17.26 -12.54 -20.87
N ASN D 77 -16.16 -11.94 -20.42
CA ASN D 77 -14.85 -12.31 -20.91
C ASN D 77 -13.89 -12.92 -19.91
N MET D 78 -14.34 -13.72 -18.94
CA MET D 78 -13.38 -14.06 -17.86
C MET D 78 -12.19 -14.96 -18.20
N ASP D 79 -12.23 -15.64 -19.35
CA ASP D 79 -11.01 -16.32 -19.84
C ASP D 79 -9.95 -15.39 -20.51
N ASN D 80 -10.34 -14.20 -20.89
CA ASN D 80 -9.44 -13.21 -21.46
C ASN D 80 -9.83 -11.79 -20.95
N ILE D 81 -9.70 -11.53 -19.67
CA ILE D 81 -10.17 -10.24 -19.12
C ILE D 81 -9.20 -9.14 -19.55
N LYS D 82 -7.92 -9.45 -19.52
CA LYS D 82 -6.94 -8.42 -19.83
C LYS D 82 -7.18 -7.83 -21.21
N ALA D 83 -7.33 -8.70 -22.20
CA ALA D 83 -7.67 -8.32 -23.57
C ALA D 83 -8.95 -7.53 -23.62
N ALA D 84 -9.94 -7.91 -22.82
CA ALA D 84 -11.17 -7.17 -22.80
C ALA D 84 -11.08 -5.69 -22.20
N TYR D 85 -10.10 -5.45 -21.33
CA TYR D 85 -9.99 -4.23 -20.50
C TYR D 85 -8.89 -3.39 -21.04
N SER D 86 -8.36 -3.89 -22.15
CA SER D 86 -7.23 -3.27 -22.81
C SER D 86 -7.33 -1.73 -22.94
N SER D 87 -8.42 -1.24 -23.53
CA SER D 87 -8.64 0.21 -23.62
C SER D 87 -9.08 0.91 -22.35
N LEU D 88 -9.60 0.12 -21.40
CA LEU D 88 -9.97 0.59 -20.07
C LEU D 88 -8.73 0.90 -19.29
N SER D 89 -7.78 0.02 -19.42
CA SER D 89 -6.52 0.11 -18.78
C SER D 89 -5.76 1.40 -19.26
N VAL D 90 -5.69 1.57 -20.58
CA VAL D 90 -5.15 2.74 -21.23
C VAL D 90 -5.86 3.93 -20.65
N MET D 91 -7.18 4.00 -20.83
CA MET D 91 -7.88 5.12 -20.22
C MET D 91 -7.47 5.38 -18.71
N HIS D 92 -7.61 4.37 -17.84
CA HIS D 92 -7.43 4.67 -16.40
C HIS D 92 -5.97 4.98 -16.05
N SER D 93 -5.06 4.29 -16.67
CA SER D 93 -3.68 4.38 -16.26
C SER D 93 -2.77 5.07 -17.24
N GLU D 94 -3.24 5.55 -18.39
CA GLU D 94 -2.38 6.27 -19.39
C GLU D 94 -2.92 7.67 -19.40
N LYS D 95 -4.17 7.79 -19.02
CA LYS D 95 -4.90 8.96 -19.45
C LYS D 95 -5.64 9.64 -18.29
N LEU D 96 -5.84 8.91 -17.17
CA LEU D 96 -6.44 9.51 -15.99
C LEU D 96 -5.47 9.39 -14.88
N HIS D 97 -4.45 8.55 -15.05
CA HIS D 97 -3.36 8.31 -14.07
C HIS D 97 -3.94 8.14 -12.67
N VAL D 98 -5.02 7.34 -12.59
CA VAL D 98 -5.59 6.92 -11.32
C VAL D 98 -4.55 6.02 -10.65
N ASP D 99 -4.15 6.27 -9.41
CA ASP D 99 -3.21 5.34 -8.77
C ASP D 99 -3.87 3.92 -8.64
N PRO D 100 -3.12 2.87 -8.88
CA PRO D 100 -3.70 1.50 -8.81
C PRO D 100 -4.33 1.13 -7.47
N ASP D 101 -3.90 1.76 -6.38
CA ASP D 101 -4.49 1.45 -5.10
C ASP D 101 -5.99 1.74 -5.10
N ASN D 102 -6.44 2.69 -5.95
CA ASN D 102 -7.82 3.05 -6.04
C ASN D 102 -8.71 2.03 -6.64
N PHE D 103 -8.21 1.19 -7.52
CA PHE D 103 -8.94 0.11 -8.06
C PHE D 103 -9.23 -0.89 -6.97
N ARG D 104 -8.31 -1.17 -6.09
CA ARG D 104 -8.58 -2.07 -5.01
C ARG D 104 -9.59 -1.44 -4.04
N LEU D 105 -9.56 -0.12 -3.91
CA LEU D 105 -10.47 0.46 -2.91
C LEU D 105 -11.90 0.38 -3.43
N LEU D 106 -12.08 0.72 -4.68
CA LEU D 106 -13.38 0.58 -5.32
C LEU D 106 -13.82 -0.89 -5.22
N ALA D 107 -12.97 -1.80 -5.58
CA ALA D 107 -13.31 -3.23 -5.57
C ALA D 107 -13.77 -3.70 -4.18
N ASP D 108 -13.09 -3.21 -3.17
CA ASP D 108 -13.45 -3.43 -1.82
C ASP D 108 -14.75 -2.75 -1.42
N CYS D 109 -15.01 -1.55 -1.91
CA CYS D 109 -16.31 -0.93 -1.68
C CYS D 109 -17.39 -1.78 -2.30
N ILE D 110 -17.22 -2.24 -3.53
CA ILE D 110 -18.20 -3.16 -4.17
C ILE D 110 -18.45 -4.39 -3.28
N THR D 111 -17.39 -5.02 -2.81
CA THR D 111 -17.52 -6.29 -2.05
C THR D 111 -18.35 -6.04 -0.79
N VAL D 112 -18.15 -4.90 -0.10
CA VAL D 112 -18.94 -4.62 1.04
C VAL D 112 -20.38 -4.41 0.74
N CYS D 113 -20.69 -3.72 -0.34
CA CYS D 113 -22.05 -3.50 -0.79
C CYS D 113 -22.76 -4.84 -1.10
N VAL D 114 -22.10 -5.67 -1.91
CA VAL D 114 -22.63 -6.98 -2.23
C VAL D 114 -22.82 -7.84 -0.93
N ALA D 115 -21.91 -7.80 0.01
CA ALA D 115 -22.06 -8.54 1.24
C ALA D 115 -23.21 -8.01 2.08
N MET D 116 -23.36 -6.68 2.10
CA MET D 116 -24.50 -6.06 2.72
C MET D 116 -25.80 -6.50 2.07
N LYS D 117 -25.89 -6.60 0.75
CA LYS D 117 -27.11 -7.00 0.10
C LYS D 117 -27.43 -8.48 0.42
N PHE D 118 -26.44 -9.35 0.37
CA PHE D 118 -26.67 -10.77 0.39
C PHE D 118 -26.66 -11.51 1.70
N GLY D 119 -25.87 -11.07 2.68
CA GLY D 119 -25.92 -11.74 3.99
C GLY D 119 -25.09 -13.00 3.89
N PRO D 120 -24.89 -13.69 5.05
CA PRO D 120 -23.95 -14.84 5.25
C PRO D 120 -24.26 -16.11 4.47
N SER D 121 -25.48 -16.17 3.91
CA SER D 121 -26.02 -17.43 3.43
C SER D 121 -25.82 -18.05 2.02
N ALA D 122 -25.48 -17.49 0.90
CA ALA D 122 -25.39 -16.17 0.31
C ALA D 122 -23.90 -15.86 0.02
N PHE D 123 -23.31 -15.00 0.83
CA PHE D 123 -21.93 -14.53 0.61
C PHE D 123 -21.05 -15.30 1.62
N THR D 124 -20.91 -16.58 1.34
CA THR D 124 -20.18 -17.54 2.14
C THR D 124 -18.65 -17.42 1.91
N PRO D 125 -17.86 -17.99 2.85
CA PRO D 125 -16.46 -17.70 2.59
C PRO D 125 -16.01 -18.09 1.20
N ASP D 126 -16.44 -19.26 0.74
CA ASP D 126 -16.15 -19.77 -0.66
C ASP D 126 -16.61 -18.83 -1.81
N VAL D 127 -17.74 -18.19 -1.67
CA VAL D 127 -18.19 -17.25 -2.63
C VAL D 127 -17.35 -15.97 -2.64
N GLN D 128 -16.98 -15.47 -1.46
CA GLN D 128 -16.08 -14.39 -1.33
C GLN D 128 -14.72 -14.71 -1.91
N GLU D 129 -14.24 -15.93 -1.77
CA GLU D 129 -13.01 -16.31 -2.32
C GLU D 129 -12.95 -16.17 -3.81
N ALA D 130 -13.97 -16.61 -4.49
CA ALA D 130 -13.94 -16.57 -5.97
C ALA D 130 -14.27 -15.15 -6.47
N TRP D 131 -15.17 -14.44 -5.78
CA TRP D 131 -15.45 -13.03 -6.04
C TRP D 131 -14.13 -12.21 -5.93
N GLN D 132 -13.45 -12.37 -4.79
CA GLN D 132 -12.14 -11.77 -4.60
C GLN D 132 -11.16 -11.99 -5.75
N LYS D 133 -11.03 -13.20 -6.21
CA LYS D 133 -10.13 -13.56 -7.29
C LYS D 133 -10.56 -12.86 -8.60
N PHE D 134 -11.88 -12.71 -8.74
CA PHE D 134 -12.43 -12.04 -9.88
C PHE D 134 -11.96 -10.54 -9.81
N LEU D 135 -12.17 -9.88 -8.67
CA LEU D 135 -11.79 -8.46 -8.52
C LEU D 135 -10.32 -8.30 -8.66
N ALA D 136 -9.55 -9.30 -8.27
CA ALA D 136 -8.15 -9.10 -8.34
C ALA D 136 -7.67 -9.11 -9.81
N VAL D 137 -8.38 -9.85 -10.65
CA VAL D 137 -8.05 -9.95 -12.03
C VAL D 137 -8.53 -8.68 -12.67
N VAL D 138 -9.77 -8.32 -12.42
CA VAL D 138 -10.27 -7.09 -12.96
C VAL D 138 -9.24 -5.99 -12.64
N VAL D 139 -8.83 -5.87 -11.38
CA VAL D 139 -7.94 -4.79 -10.90
C VAL D 139 -6.54 -4.80 -11.53
N ALA D 140 -5.96 -6.00 -11.73
CA ALA D 140 -4.66 -6.13 -12.40
C ALA D 140 -4.84 -5.73 -13.83
N ALA D 141 -5.99 -6.08 -14.41
CA ALA D 141 -6.12 -5.81 -15.84
C ALA D 141 -6.39 -4.31 -16.06
N LEU D 142 -6.89 -3.60 -15.05
CA LEU D 142 -7.13 -2.19 -15.23
C LEU D 142 -5.85 -1.40 -15.08
N SER D 143 -4.84 -2.01 -14.47
CA SER D 143 -3.57 -1.37 -14.16
C SER D 143 -2.72 -1.35 -15.47
N ARG D 144 -1.67 -0.52 -15.52
CA ARG D 144 -0.73 -0.49 -16.68
C ARG D 144 -0.31 -1.89 -17.15
N TYR D 145 -0.52 -2.19 -18.43
CA TYR D 145 -0.07 -3.49 -18.90
C TYR D 145 1.38 -3.49 -19.45
N HIS D 146 2.21 -4.39 -18.89
CA HIS D 146 3.63 -4.50 -19.23
C HIS D 146 3.84 -5.59 -20.31
CHA HEM E . 2.09 22.55 -2.08
CHB HEM E . 4.60 20.66 1.58
CHC HEM E . 3.82 16.32 -0.62
CHD HEM E . 1.39 18.20 -4.31
C1A HEM E . 2.85 22.47 -0.94
C2A HEM E . 3.39 23.54 -0.09
C3A HEM E . 4.12 22.96 0.89
C4A HEM E . 4.01 21.54 0.72
CMA HEM E . 4.93 23.50 2.12
CAA HEM E . 3.22 25.08 -0.24
CBA HEM E . 2.17 25.54 0.79
CGA HEM E . 1.78 27.01 0.55
O1A HEM E . 1.72 27.46 -0.66
O2A HEM E . 1.50 27.71 1.57
C1B HEM E . 4.58 19.32 1.30
C2B HEM E . 5.23 18.29 2.08
C3B HEM E . 4.97 17.11 1.43
C4B HEM E . 4.22 17.34 0.24
CMB HEM E . 6.00 18.59 3.39
CAB HEM E . 5.35 15.64 1.76
CBB HEM E . 6.43 15.38 2.53
C1C HEM E . 3.15 16.42 -1.86
C2C HEM E . 2.91 15.33 -2.83
C3C HEM E . 2.21 15.91 -3.82
C4C HEM E . 2.03 17.31 -3.51
CMC HEM E . 3.34 13.81 -2.69
CAC HEM E . 1.59 15.36 -5.13
CBC HEM E . 2.36 14.99 -6.17
C1D HEM E . 1.37 19.54 -4.06
C2D HEM E . 0.82 20.54 -4.95
C3D HEM E . 1.07 21.83 -4.22
C4D HEM E . 1.76 21.53 -2.99
CMD HEM E . 0.10 20.37 -6.33
CAD HEM E . 0.71 23.27 -4.65
CBD HEM E . 1.85 23.79 -5.54
CGD HEM E . 1.22 24.98 -6.20
O1D HEM E . 0.61 24.79 -7.28
O2D HEM E . 1.26 26.11 -5.63
NA HEM E . 3.23 21.25 -0.36
NB HEM E . 3.97 18.69 0.16
NC HEM E . 2.60 17.61 -2.38
ND HEM E . 1.93 20.16 -2.94
FE HEM E . 2.85 19.46 -1.34
O1 OXY F . 4.26 19.52 -1.82
O2 OXY F . 4.80 19.71 -2.88
CHA HEM G . 14.36 -16.90 -3.84
CHB HEM G . 14.79 -13.22 -7.00
CHC HEM G . 12.25 -10.46 -3.95
CHD HEM G . 11.89 -13.95 -0.73
C1A HEM G . 14.75 -16.20 -4.92
C2A HEM G . 15.67 -16.60 -5.95
C3A HEM G . 15.78 -15.57 -6.80
C4A HEM G . 14.94 -14.48 -6.37
CMA HEM G . 16.66 -15.53 -8.07
CAA HEM G . 16.40 -17.97 -6.04
CBA HEM G . 15.45 -18.88 -6.82
CGA HEM G . 15.79 -20.38 -6.73
O1A HEM G . 15.51 -21.08 -7.76
O2A HEM G . 16.29 -20.87 -5.66
C1B HEM G . 14.13 -12.15 -6.46
C2B HEM G . 13.91 -10.86 -7.05
C3B HEM G . 13.19 -10.11 -6.15
C4B HEM G . 12.94 -10.94 -5.02
CMB HEM G . 14.42 -10.45 -8.44
CAB HEM G . 12.62 -8.64 -6.16
CBB HEM G . 13.18 -7.67 -6.86
C1C HEM G . 11.94 -11.08 -2.80
C2C HEM G . 11.26 -10.50 -1.71
C3C HEM G . 11.13 -11.48 -0.77
C4C HEM G . 11.76 -12.70 -1.30
CMC HEM G . 10.77 -9.01 -1.64
CAC HEM G . 10.38 -11.34 0.58
CBC HEM G . 10.94 -10.84 1.69
C1D HEM G . 12.61 -15.05 -1.21
C2D HEM G . 12.92 -16.20 -0.44
C3D HEM G . 13.70 -17.11 -1.35
C4D HEM G . 13.76 -16.43 -2.64
CMD HEM G . 12.63 -16.51 1.05
CAD HEM G . 14.23 -18.48 -0.91
CBD HEM G . 15.51 -18.49 -0.06
CGD HEM G . 15.94 -19.98 0.09
O1D HEM G . 15.02 -20.84 0.31
O2D HEM G . 17.15 -20.35 -0.06
NA HEM G . 14.34 -14.93 -5.23
NB HEM G . 13.51 -12.15 -5.22
NC HEM G . 12.22 -12.39 -2.53
ND HEM G . 13.07 -15.24 -2.50
FE HEM G . 13.26 -13.67 -3.81
O1 OXY H . 14.69 -13.32 -3.15
O2 OXY H . 14.97 -12.36 -2.46
CHA HEM I . -2.77 -13.16 18.59
CHB HEM I . -5.60 -8.96 18.12
CHC HEM I . -3.95 -9.09 13.35
CHD HEM I . -1.59 -13.38 13.75
C1A HEM I . -3.61 -12.04 18.85
C2A HEM I . -4.20 -11.75 20.11
C3A HEM I . -4.97 -10.67 20.11
C4A HEM I . -5.01 -10.12 18.75
CMA HEM I . -5.56 -10.27 21.54
CAA HEM I . -3.89 -12.64 21.32
CBA HEM I . -2.39 -12.96 21.32
CGA HEM I . -1.99 -13.96 22.42
O1A HEM I . -2.19 -13.64 23.67
O2A HEM I . -1.44 -15.09 22.00
C1B HEM I . -5.25 -8.71 16.78
C2B HEM I . -5.76 -7.59 16.20
C3B HEM I . -5.34 -7.53 14.88
C4B HEM I . -4.58 -8.71 14.61
CMB HEM I . -6.63 -6.89 17.37
CAB HEM I . -5.76 -6.36 13.92
CBB HEM I . -6.88 -5.71 14.67
C1C HEM I . -3.29 -10.30 13.06
C2C HEM I . -2.96 -10.60 11.74
C3C HEM I . -2.28 -11.81 11.82
C4C HEM I . -2.18 -12.20 13.20
CMC HEM I . -3.45 -9.57 10.54
CAC HEM I . -1.69 -12.74 10.76
CBC HEM I . -2.21 -12.57 9.49
C1D HEM I . -1.70 -13.68 15.09
C2D HEM I . -1.13 -14.91 15.55
C3D HEM I . -1.45 -14.87 17.03
C4D HEM I . -2.23 -13.64 17.35
CMD HEM I . -0.36 -16.05 14.75
CAD HEM I . -1.02 -16.12 17.82
CBD HEM I . -2.29 -16.98 17.68
CGD HEM I . -2.14 -18.18 18.61
O1D HEM I . -1.00 -18.71 18.67
O2D HEM I . -3.14 -18.58 19.27
NA HEM I . -4.12 -11.07 18.02
NB HEM I . -4.53 -9.45 15.91
NC HEM I . -2.86 -11.21 13.96
ND HEM I . -2.32 -12.96 16.10
FE HEM I . -3.37 -11.29 16.04
O1 OXY J . -5.03 -12.60 14.62
O2 OXY J . -4.87 -12.22 15.73
CHA HEM K . -14.68 5.74 -16.60
CHB HEM K . -14.78 1.11 -15.14
CHC HEM K . -12.17 2.19 -11.24
CHD HEM K . -12.17 6.89 -12.67
C1A HEM K . -14.95 4.40 -16.47
C2A HEM K . -15.78 3.68 -17.38
C3A HEM K . -15.81 2.41 -16.99
C4A HEM K . -14.99 2.28 -15.80
CMA HEM K . -16.58 1.22 -17.65
CAA HEM K . -16.47 4.33 -18.58
CBA HEM K . -15.34 4.24 -19.63
CGA HEM K . -15.83 4.41 -21.05
O1A HEM K . -15.78 3.41 -21.84
O2A HEM K . -16.28 5.53 -21.39
C1B HEM K . -14.08 0.96 -14.00
C2B HEM K . -13.86 -0.28 -13.32
C3B HEM K . -13.15 0.01 -12.21
C4B HEM K . -12.86 1.43 -12.17
CMB HEM K . -14.46 -1.62 -13.88
CAB HEM K . -12.63 -0.96 -11.12
CBB HEM K . -13.46 -1.48 -10.22
C1C HEM K . -12.01 3.56 -11.24
C2C HEM K . -11.37 4.38 -10.25
C3C HEM K . -11.34 5.68 -10.66
C4C HEM K . -12.01 5.73 -11.91
CMC HEM K . -10.76 3.84 -8.94
CAC HEM K . -10.76 6.95 -10.03
CBC HEM K . -10.69 7.23 -8.70
C1D HEM K . -12.85 7.03 -13.86
C2D HEM K . -13.22 8.29 -14.45
C3D HEM K . -14.02 7.91 -15.72
C4D HEM K . -14.05 6.49 -15.72
CMD HEM K . -12.78 9.65 -13.87
CAD HEM K . -14.68 8.79 -16.79
CBD HEM K . -15.80 9.49 -16.03
CGD HEM K . -16.50 10.53 -16.85
O1D HEM K . -16.14 11.77 -16.77
O2D HEM K . -17.43 10.07 -17.57
NA HEM K . -14.49 3.50 -15.53
NB HEM K . -13.46 1.98 -13.28
NC HEM K . -12.38 4.45 -12.24
ND HEM K . -13.37 6.02 -14.63
FE HEM K . -13.45 4.02 -13.91
O1 OXY L . -15.49 4.17 -13.40
O2 OXY L . -15.01 4.49 -12.35
#